data_6V1A
#
_entry.id   6V1A
#
_cell.length_a   149.344
_cell.length_b   56.990
_cell.length_c   131.184
_cell.angle_alpha   90.000
_cell.angle_beta   90.870
_cell.angle_gamma   90.000
#
_symmetry.space_group_name_H-M   'C 1 2 1'
#
loop_
_entity.id
_entity.type
_entity.pdbx_description
1 polymer 'HLA class II histocompatibility antigen, DR alpha chain'
2 polymer 'HLA class II histocompatibility antigen, DRB1-4 beta chain'
3 polymer 'Fibrinogen beta 74cit69-81'
4 polymer 'M134 TCR alpha chain'
5 polymer 'M134 TCR beta chain'
6 non-polymer 2-acetamido-2-deoxy-beta-D-glucopyranose
7 non-polymer GLYCEROL
8 non-polymer 'SODIUM ION'
9 water water
#
loop_
_entity_poly.entity_id
_entity_poly.type
_entity_poly.pdbx_seq_one_letter_code
_entity_poly.pdbx_strand_id
1 'polypeptide(L)'
;IKEEHVIIQAEFYLNPDQSGEFMFDFDGDEIFHVDMAKKETVWRLEEFGRFASFEAQGALANIAVDKANLEIMTKRSNYT
PITNVPPEVTVLTNSPVELREPNVLICFIDKFTPPVVNVTWLRNGKPVTTGVSETVFLPREDHLFRKFHYLPFLPSTEDV
YDCRVEHWGLDEPLLKHWEFDTSGDDDDK
;
A
2 'polypeptide(L)'
;GDTRPRFLEQVKHECHFFNGTERVRFLDRYFYHQEEYVRFDSDVGEYRAVTELGRPDAEYWNSQKDLLEQKRAAVDTYCR
HNYGVGESFTVQRRVYPEVTVYPAKTQPLQHHNLLVCSVNGFYPGSIEVRWFRNGQEEKTGVVSTGLIQNGDWTFQTLVM
LETVPRSGEVYTCQVEHPSLTSPLTVEWRATGGDDDDK
;
B
3 'polypeptide(L)' GGYRA(CIR)PAKAAAT C
4 'polypeptide(L)'
;GDSVTQTEGQVTVSESKSLIINCTYSATSIAYPNLFWYVRYPGEGLQLLLKVITAGQKGSSRGFEATYNKETTSFHLQKA
SVQESDSAVYYCALSDSSSFSKLVFGQGTSLSVVPNIQNPDPAVYQLRDSKSSDKSVCLFTDFDSQTNVSQSKDSDVYIT
DKCVLDMRSMDFKSNSAVAWSNKSDFACANAFNNSIIPEDTFFPSPESS
;
D
5 'polypeptide(L)'
;AVFQTPNYHVTQVGNEVSFNCKQTLGHDTMYWYKQDSKKLLKIMFSYNNKQLIVNETVPRRFSPQSSDKAHLNLRIKSVE
PEDSAVYLCASSLDWASQNTLYFGAGTRLSVLEDLNKVFPPEVAVFEPSEAEISHTQKATLVCLATGFFPDHVELSWWVN
GKEVHSGVCTDPQPLKEQPALNDSRYALSSRLRVSATFWQNPRNHFRCQVQFYGLSENDEWTQDRAKPVTQIVSAEAWGR
AD
;
E
#
loop_
_chem_comp.id
_chem_comp.type
_chem_comp.name
_chem_comp.formula
GOL non-polymer GLYCEROL 'C3 H8 O3'
NA non-polymer 'SODIUM ION' 'Na 1'
NAG D-saccharide, beta linking 2-acetamido-2-deoxy-beta-D-glucopyranose 'C8 H15 N O6'
#
# COMPACT_ATOMS: atom_id res chain seq x y z
N LYS A 2 -32.41 7.62 15.08
CA LYS A 2 -32.52 8.97 14.52
C LYS A 2 -31.18 9.70 14.59
N GLU A 3 -30.11 9.04 14.14
CA GLU A 3 -28.76 9.59 14.14
C GLU A 3 -28.36 9.96 12.71
N GLU A 4 -28.41 11.25 12.41
CA GLU A 4 -28.15 11.77 11.07
C GLU A 4 -26.97 12.73 11.16
N HIS A 5 -25.85 12.36 10.52
CA HIS A 5 -24.60 13.10 10.66
C HIS A 5 -23.90 13.18 9.31
N VAL A 6 -22.87 14.03 9.27
CA VAL A 6 -22.05 14.26 8.09
C VAL A 6 -20.61 14.48 8.55
N ILE A 7 -19.69 13.68 8.05
CA ILE A 7 -18.26 13.83 8.32
C ILE A 7 -17.57 14.20 7.02
N ILE A 8 -16.85 15.32 7.02
CA ILE A 8 -16.23 15.85 5.81
C ILE A 8 -14.73 16.04 6.05
N GLN A 9 -13.92 15.46 5.18
CA GLN A 9 -12.49 15.74 5.14
C GLN A 9 -12.26 16.81 4.09
N ALA A 10 -11.94 18.02 4.52
CA ALA A 10 -11.83 19.18 3.65
C ALA A 10 -10.37 19.59 3.51
N GLU A 11 -9.92 19.79 2.27
CA GLU A 11 -8.56 20.21 1.96
C GLU A 11 -8.60 21.34 0.94
N PHE A 12 -7.65 22.26 1.04
CA PHE A 12 -7.47 23.24 -0.01
C PHE A 12 -5.99 23.57 -0.15
N TYR A 13 -5.64 24.06 -1.34
CA TYR A 13 -4.33 24.63 -1.60
C TYR A 13 -4.52 25.89 -2.44
N LEU A 14 -3.76 26.93 -2.11
CA LEU A 14 -3.96 28.26 -2.69
C LEU A 14 -2.65 28.80 -3.25
N ASN A 15 -2.67 29.18 -4.52
CA ASN A 15 -1.55 29.86 -5.15
C ASN A 15 -1.88 31.35 -5.31
N PRO A 16 -0.86 32.22 -5.33
CA PRO A 16 0.56 31.92 -5.20
C PRO A 16 1.05 31.99 -3.75
N ASP A 17 0.11 32.09 -2.81
CA ASP A 17 0.46 32.14 -1.40
C ASP A 17 1.13 30.86 -0.93
N GLN A 18 0.89 29.74 -1.62
CA GLN A 18 1.47 28.44 -1.28
C GLN A 18 1.13 28.05 0.15
N SER A 19 -0.16 28.10 0.47
CA SER A 19 -0.66 27.72 1.78
C SER A 19 -1.79 26.72 1.62
N GLY A 20 -1.72 25.63 2.37
CA GLY A 20 -2.74 24.61 2.34
C GLY A 20 -3.11 24.19 3.75
N GLU A 21 -4.26 23.50 3.85
CA GLU A 21 -4.71 23.03 5.14
C GLU A 21 -5.53 21.76 4.94
N PHE A 22 -5.65 21.01 6.04
CA PHE A 22 -6.30 19.71 6.06
C PHE A 22 -7.04 19.60 7.38
N MET A 23 -8.34 19.35 7.33
CA MET A 23 -9.13 19.27 8.55
C MET A 23 -10.28 18.29 8.36
N PHE A 24 -10.78 17.77 9.49
CA PHE A 24 -11.96 16.92 9.52
C PHE A 24 -13.09 17.68 10.19
N ASP A 25 -14.26 17.67 9.56
CA ASP A 25 -15.44 18.37 10.05
C ASP A 25 -16.50 17.36 10.44
N PHE A 26 -17.14 17.60 11.58
CA PHE A 26 -18.25 16.78 12.07
C PHE A 26 -19.41 17.70 12.40
N ASP A 27 -20.45 17.68 11.56
CA ASP A 27 -21.67 18.46 11.78
C ASP A 27 -21.36 19.93 12.00
N GLY A 28 -20.40 20.45 11.22
CA GLY A 28 -20.03 21.85 11.30
C GLY A 28 -18.96 22.18 12.31
N ASP A 29 -18.50 21.21 13.10
CA ASP A 29 -17.43 21.41 14.06
C ASP A 29 -16.17 20.70 13.59
N GLU A 30 -15.04 21.32 13.88
CA GLU A 30 -13.74 20.76 13.53
C GLU A 30 -13.36 19.66 14.52
N ILE A 31 -13.05 18.48 14.00
CA ILE A 31 -12.49 17.43 14.85
C ILE A 31 -11.01 17.69 15.08
N PHE A 32 -10.26 17.89 14.01
CA PHE A 32 -8.84 18.20 14.08
C PHE A 32 -8.40 18.82 12.76
N HIS A 33 -7.23 19.43 12.78
CA HIS A 33 -6.55 19.85 11.57
C HIS A 33 -5.07 19.48 11.71
N VAL A 34 -4.36 19.55 10.59
CA VAL A 34 -2.94 19.21 10.54
C VAL A 34 -2.16 20.49 10.31
N ASP A 35 -1.30 20.83 11.26
CA ASP A 35 -0.38 21.96 11.11
C ASP A 35 0.69 21.58 10.09
N MET A 36 0.65 22.21 8.91
CA MET A 36 1.57 21.84 7.84
C MET A 36 3.02 22.14 8.22
N ALA A 37 3.23 23.23 8.96
CA ALA A 37 4.60 23.62 9.31
C ALA A 37 5.23 22.61 10.25
N LYS A 38 4.55 22.26 11.33
CA LYS A 38 5.09 21.34 12.32
C LYS A 38 4.74 19.88 12.04
N LYS A 39 3.95 19.61 11.01
CA LYS A 39 3.57 18.24 10.64
C LYS A 39 2.97 17.50 11.83
N GLU A 40 1.99 18.13 12.48
CA GLU A 40 1.39 17.63 13.71
C GLU A 40 -0.12 17.67 13.60
N THR A 41 -0.78 16.69 14.20
CA THR A 41 -2.23 16.66 14.29
C THR A 41 -2.68 17.53 15.46
N VAL A 42 -3.52 18.52 15.18
CA VAL A 42 -3.98 19.47 16.19
C VAL A 42 -5.47 19.22 16.42
N TRP A 43 -5.80 18.66 17.57
CA TRP A 43 -7.18 18.39 17.91
C TRP A 43 -7.87 19.66 18.39
N ARG A 44 -9.10 19.88 17.93
CA ARG A 44 -9.85 21.06 18.33
C ARG A 44 -10.08 21.08 19.83
N LEU A 45 -10.31 19.91 20.43
CA LEU A 45 -10.41 19.75 21.87
C LEU A 45 -9.29 18.80 22.32
N GLU A 46 -8.60 19.19 23.39
CA GLU A 46 -7.44 18.41 23.86
C GLU A 46 -7.84 16.98 24.20
N GLU A 47 -9.05 16.77 24.71
CA GLU A 47 -9.49 15.43 25.09
C GLU A 47 -9.62 14.50 23.89
N PHE A 48 -9.80 15.04 22.69
CA PHE A 48 -9.91 14.18 21.51
C PHE A 48 -8.65 13.37 21.28
N GLY A 49 -7.49 13.98 21.54
CA GLY A 49 -6.22 13.29 21.34
C GLY A 49 -6.02 12.08 22.23
N ARG A 50 -6.71 12.03 23.37
CA ARG A 50 -6.63 10.87 24.24
C ARG A 50 -7.52 9.73 23.79
N PHE A 51 -8.47 9.98 22.89
CA PHE A 51 -9.42 8.97 22.45
C PHE A 51 -9.19 8.47 21.04
N ALA A 52 -8.54 9.25 20.18
CA ALA A 52 -8.29 8.87 18.80
C ALA A 52 -6.93 9.39 18.37
N SER A 53 -6.50 8.95 17.18
CA SER A 53 -5.22 9.36 16.64
C SER A 53 -5.35 9.58 15.13
N PHE A 54 -4.36 10.26 14.56
CA PHE A 54 -4.28 10.44 13.12
C PHE A 54 -2.84 10.72 12.73
N GLU A 55 -2.33 9.92 11.79
CA GLU A 55 -0.99 10.13 11.25
C GLU A 55 -1.01 11.35 10.33
N ALA A 56 -0.40 12.45 10.77
CA ALA A 56 -0.46 13.70 10.04
C ALA A 56 0.25 13.64 8.69
N GLN A 57 1.15 12.66 8.49
CA GLN A 57 1.89 12.57 7.24
C GLN A 57 0.97 12.37 6.05
N GLY A 58 -0.13 11.65 6.23
CA GLY A 58 -1.07 11.47 5.13
C GLY A 58 -1.70 12.77 4.68
N ALA A 59 -1.87 13.72 5.59
CA ALA A 59 -2.39 15.03 5.22
C ALA A 59 -1.38 15.79 4.37
N LEU A 60 -0.09 15.71 4.72
CA LEU A 60 0.93 16.38 3.92
C LEU A 60 1.02 15.80 2.52
N ALA A 61 0.78 14.49 2.37
CA ALA A 61 0.77 13.89 1.05
C ALA A 61 -0.40 14.39 0.22
N ASN A 62 -1.57 14.53 0.85
CA ASN A 62 -2.74 15.04 0.13
C ASN A 62 -2.53 16.48 -0.32
N ILE A 63 -1.98 17.32 0.57
CA ILE A 63 -1.76 18.72 0.22
C ILE A 63 -0.81 18.83 -0.96
N ALA A 64 0.21 17.97 -0.99
CA ALA A 64 1.15 17.99 -2.12
C ALA A 64 0.45 17.63 -3.42
N VAL A 65 -0.45 16.65 -3.39
CA VAL A 65 -1.22 16.30 -4.58
C VAL A 65 -2.12 17.46 -4.99
N ASP A 66 -2.74 18.13 -4.01
CA ASP A 66 -3.59 19.27 -4.32
C ASP A 66 -2.79 20.40 -4.95
N LYS A 67 -1.54 20.59 -4.49
CA LYS A 67 -0.69 21.61 -5.08
C LYS A 67 -0.38 21.30 -6.53
N ALA A 68 -0.03 20.05 -6.82
CA ALA A 68 0.25 19.65 -8.20
C ALA A 68 -1.02 19.67 -9.04
N ASN A 69 -2.16 19.30 -8.45
CA ASN A 69 -3.41 19.33 -9.19
C ASN A 69 -3.86 20.76 -9.47
N LEU A 70 -3.57 21.70 -8.56
CA LEU A 70 -3.98 23.08 -8.77
C LEU A 70 -3.28 23.67 -9.99
N GLU A 71 -1.99 23.38 -10.17
CA GLU A 71 -1.28 23.89 -11.34
C GLU A 71 -1.87 23.32 -12.62
N ILE A 72 -2.33 22.07 -12.59
CA ILE A 72 -2.97 21.48 -13.76
C ILE A 72 -4.33 22.13 -14.01
N MET A 73 -5.15 22.25 -12.95
CA MET A 73 -6.47 22.84 -13.11
C MET A 73 -6.39 24.30 -13.51
N THR A 74 -5.35 25.00 -13.07
CA THR A 74 -5.16 26.38 -13.51
C THR A 74 -4.90 26.44 -15.01
N LYS A 75 -4.16 25.46 -15.54
CA LYS A 75 -3.93 25.39 -16.98
C LYS A 75 -5.21 25.05 -17.74
N ARG A 76 -6.02 24.15 -17.19
CA ARG A 76 -7.26 23.76 -17.87
C ARG A 76 -8.22 24.94 -18.02
N SER A 77 -8.21 25.87 -17.06
CA SER A 77 -9.08 27.04 -17.10
C SER A 77 -8.44 28.23 -17.80
N ASN A 78 -7.30 28.03 -18.46
CA ASN A 78 -6.54 29.11 -19.08
C ASN A 78 -6.22 30.23 -18.09
N TYR A 79 -5.82 29.82 -16.88
CA TYR A 79 -5.39 30.75 -15.83
C TYR A 79 -6.51 31.71 -15.45
N THR A 80 -7.68 31.16 -15.18
CA THR A 80 -8.81 31.96 -14.70
C THR A 80 -8.73 32.08 -13.19
N PRO A 81 -8.54 33.27 -12.64
CA PRO A 81 -8.35 33.41 -11.20
C PRO A 81 -9.67 33.33 -10.44
N ILE A 82 -9.55 33.27 -9.11
CA ILE A 82 -10.71 33.24 -8.23
C ILE A 82 -11.27 34.66 -8.10
N THR A 83 -12.59 34.75 -7.92
CA THR A 83 -13.24 36.02 -7.68
C THR A 83 -13.37 36.26 -6.19
N ASN A 84 -12.90 37.41 -5.72
CA ASN A 84 -12.93 37.73 -4.31
C ASN A 84 -14.36 37.82 -3.79
N VAL A 85 -14.57 37.35 -2.56
CA VAL A 85 -15.86 37.47 -1.90
C VAL A 85 -15.63 38.05 -0.51
N PRO A 86 -16.08 39.27 -0.23
CA PRO A 86 -15.86 39.84 1.10
C PRO A 86 -16.65 39.10 2.16
N PRO A 87 -16.21 39.13 3.41
CA PRO A 87 -16.88 38.35 4.45
C PRO A 87 -17.89 39.15 5.25
N GLU A 88 -18.87 38.41 5.79
CA GLU A 88 -19.73 38.93 6.85
C GLU A 88 -19.03 38.70 8.19
N VAL A 89 -18.99 39.73 9.03
CA VAL A 89 -18.29 39.69 10.30
C VAL A 89 -19.29 39.95 11.42
N THR A 90 -19.33 39.05 12.40
CA THR A 90 -20.23 39.16 13.54
C THR A 90 -19.42 39.02 14.82
N VAL A 91 -19.71 39.87 15.80
CA VAL A 91 -19.06 39.83 17.11
C VAL A 91 -20.11 39.52 18.15
N LEU A 92 -19.83 38.53 19.00
CA LEU A 92 -20.75 38.15 20.07
C LEU A 92 -19.93 37.69 21.27
N THR A 93 -20.62 37.27 22.33
CA THR A 93 -20.00 36.77 23.54
C THR A 93 -20.40 35.32 23.77
N ASN A 94 -19.53 34.59 24.47
CA ASN A 94 -19.78 33.19 24.72
C ASN A 94 -20.91 32.98 25.73
N SER A 95 -21.03 33.87 26.71
CA SER A 95 -22.04 33.75 27.74
C SER A 95 -22.59 35.14 28.08
N PRO A 96 -23.71 35.24 28.80
CA PRO A 96 -24.19 36.57 29.23
C PRO A 96 -23.11 37.35 29.97
N VAL A 97 -23.14 38.66 29.79
CA VAL A 97 -22.07 39.54 30.28
C VAL A 97 -22.41 39.99 31.69
N GLU A 98 -21.49 39.75 32.62
CA GLU A 98 -21.57 40.26 33.98
C GLU A 98 -20.30 41.04 34.28
N LEU A 99 -20.46 42.13 35.03
CA LEU A 99 -19.31 42.98 35.34
C LEU A 99 -18.29 42.22 36.18
N ARG A 100 -17.02 42.31 35.77
CA ARG A 100 -15.89 41.69 36.45
C ARG A 100 -15.99 40.16 36.47
N GLU A 101 -16.78 39.58 35.57
CA GLU A 101 -16.90 38.12 35.47
C GLU A 101 -16.25 37.65 34.17
N PRO A 102 -15.34 36.68 34.23
CA PRO A 102 -14.59 36.30 33.03
C PRO A 102 -15.50 35.88 31.88
N ASN A 103 -15.17 36.37 30.68
CA ASN A 103 -15.91 36.08 29.47
C ASN A 103 -14.95 36.14 28.30
N VAL A 104 -15.45 35.84 27.11
CA VAL A 104 -14.61 35.83 25.90
C VAL A 104 -15.43 36.36 24.73
N LEU A 105 -14.83 37.27 23.96
CA LEU A 105 -15.46 37.78 22.74
C LEU A 105 -15.17 36.83 21.58
N ILE A 106 -16.14 36.71 20.69
CA ILE A 106 -16.05 35.83 19.53
C ILE A 106 -16.27 36.68 18.28
N CYS A 107 -15.29 36.67 17.38
CA CYS A 107 -15.40 37.34 16.08
C CYS A 107 -15.60 36.25 15.03
N PHE A 108 -16.79 36.22 14.42
CA PHE A 108 -17.16 35.21 13.46
C PHE A 108 -17.09 35.79 12.05
N ILE A 109 -16.22 35.22 11.22
CA ILE A 109 -16.02 35.65 9.85
C ILE A 109 -16.61 34.58 8.94
N ASP A 110 -17.45 34.99 7.99
CA ASP A 110 -18.30 34.05 7.27
C ASP A 110 -18.41 34.42 5.80
N LYS A 111 -18.58 33.39 4.97
CA LYS A 111 -18.94 33.54 3.55
C LYS A 111 -17.91 34.36 2.78
N PHE A 112 -16.66 33.88 2.79
CA PHE A 112 -15.60 34.61 2.12
C PHE A 112 -14.65 33.64 1.43
N THR A 113 -13.99 34.17 0.40
CA THR A 113 -12.96 33.45 -0.34
C THR A 113 -12.15 34.50 -1.11
N PRO A 114 -10.85 34.28 -1.30
CA PRO A 114 -10.02 33.15 -0.86
C PRO A 114 -9.76 33.15 0.64
N PRO A 115 -9.31 31.96 1.21
CA PRO A 115 -9.05 31.86 2.66
C PRO A 115 -7.75 32.55 3.08
N VAL A 116 -7.76 33.89 3.00
CA VAL A 116 -6.67 34.73 3.48
C VAL A 116 -7.27 35.97 4.12
N VAL A 117 -7.07 36.13 5.42
CA VAL A 117 -7.59 37.28 6.16
C VAL A 117 -6.56 37.74 7.19
N ASN A 118 -6.57 39.03 7.46
CA ASN A 118 -5.89 39.61 8.62
C ASN A 118 -6.95 40.00 9.64
N VAL A 119 -6.77 39.54 10.88
CA VAL A 119 -7.72 39.80 11.95
C VAL A 119 -6.96 40.41 13.12
N THR A 120 -7.52 41.49 13.69
CA THR A 120 -6.90 42.17 14.81
C THR A 120 -7.98 42.59 15.80
N TRP A 121 -7.77 42.24 17.07
CA TRP A 121 -8.62 42.72 18.15
C TRP A 121 -8.12 44.08 18.61
N LEU A 122 -9.03 45.04 18.73
CA LEU A 122 -8.70 46.40 19.15
C LEU A 122 -9.40 46.69 20.46
N ARG A 123 -8.63 46.92 21.52
CA ARG A 123 -9.15 47.33 22.82
C ARG A 123 -8.97 48.83 22.96
N ASN A 124 -10.08 49.56 22.99
CA ASN A 124 -10.07 51.03 23.00
C ASN A 124 -9.30 51.59 21.81
N GLY A 125 -9.46 50.96 20.65
CA GLY A 125 -8.80 51.39 19.44
C GLY A 125 -7.37 50.94 19.30
N LYS A 126 -6.80 50.26 20.30
CA LYS A 126 -5.42 49.81 20.23
C LYS A 126 -5.35 48.29 20.18
N PRO A 127 -4.38 47.73 19.45
CA PRO A 127 -4.32 46.28 19.29
C PRO A 127 -4.07 45.56 20.62
N VAL A 128 -4.70 44.41 20.78
CA VAL A 128 -4.52 43.55 21.95
C VAL A 128 -4.27 42.13 21.45
N THR A 129 -3.23 41.48 21.99
CA THR A 129 -2.82 40.17 21.51
C THR A 129 -2.61 39.19 22.65
N THR A 130 -3.14 39.48 23.84
CA THR A 130 -2.94 38.64 25.01
C THR A 130 -4.05 37.60 25.11
N GLY A 131 -3.65 36.32 25.10
CA GLY A 131 -4.60 35.24 25.28
C GLY A 131 -5.58 35.04 24.14
N VAL A 132 -5.27 35.58 22.97
CA VAL A 132 -6.20 35.41 21.82
C VAL A 132 -5.98 34.04 21.20
N SER A 133 -7.02 33.50 20.57
CA SER A 133 -6.92 32.21 19.87
C SER A 133 -7.76 32.32 18.60
N GLU A 134 -7.47 31.49 17.61
CA GLU A 134 -8.23 31.55 16.36
C GLU A 134 -8.31 30.15 15.77
N THR A 135 -9.27 29.92 14.90
CA THR A 135 -9.38 28.60 14.27
C THR A 135 -8.84 28.67 12.84
N VAL A 136 -8.72 27.51 12.22
CA VAL A 136 -8.38 27.37 10.81
C VAL A 136 -9.61 27.69 9.99
N PHE A 137 -9.45 27.82 8.68
CA PHE A 137 -10.57 28.16 7.82
C PHE A 137 -11.53 26.97 7.75
N LEU A 138 -12.76 27.21 8.11
CA LEU A 138 -13.69 26.08 8.14
C LEU A 138 -14.54 26.05 6.88
N PRO A 139 -14.81 24.87 6.35
CA PRO A 139 -15.53 24.78 5.08
C PRO A 139 -17.01 25.09 5.23
N ARG A 140 -17.61 25.50 4.12
CA ARG A 140 -19.04 25.78 4.04
C ARG A 140 -19.65 24.96 2.91
N GLU A 141 -20.97 24.78 2.98
CA GLU A 141 -21.66 24.02 1.95
C GLU A 141 -21.63 24.74 0.61
N ASP A 142 -21.58 26.08 0.61
CA ASP A 142 -21.39 26.85 -0.61
C ASP A 142 -19.93 26.93 -1.04
N HIS A 143 -19.04 26.18 -0.36
CA HIS A 143 -17.63 26.08 -0.69
C HIS A 143 -16.88 27.38 -0.48
N LEU A 144 -17.47 28.31 0.26
CA LEU A 144 -16.73 29.45 0.79
C LEU A 144 -16.11 29.01 2.12
N PHE A 145 -15.69 29.96 2.96
CA PHE A 145 -15.01 29.62 4.20
C PHE A 145 -15.56 30.46 5.35
N ARG A 146 -15.37 29.93 6.56
CA ARG A 146 -15.71 30.63 7.79
C ARG A 146 -14.56 30.46 8.78
N LYS A 147 -14.55 31.30 9.80
CA LYS A 147 -13.41 31.37 10.72
C LYS A 147 -13.88 31.97 12.04
N PHE A 148 -13.27 31.51 13.14
CA PHE A 148 -13.59 31.96 14.47
C PHE A 148 -12.35 32.55 15.13
N HIS A 149 -12.49 33.75 15.70
CA HIS A 149 -11.47 34.38 16.52
C HIS A 149 -12.03 34.63 17.91
N TYR A 150 -11.20 34.44 18.93
CA TYR A 150 -11.63 34.53 20.31
C TYR A 150 -10.75 35.50 21.09
N LEU A 151 -11.35 36.23 22.01
CA LEU A 151 -10.63 37.17 22.86
C LEU A 151 -11.24 37.11 24.27
N PRO A 152 -10.56 36.46 25.21
CA PRO A 152 -11.04 36.47 26.60
C PRO A 152 -10.85 37.85 27.21
N PHE A 153 -11.78 38.22 28.10
CA PHE A 153 -11.76 39.57 28.65
C PHE A 153 -12.61 39.63 29.90
N LEU A 154 -12.24 40.54 30.80
CA LEU A 154 -13.08 40.90 31.94
C LEU A 154 -13.92 42.10 31.56
N PRO A 155 -15.24 41.98 31.46
CA PRO A 155 -16.07 43.10 31.02
C PRO A 155 -15.99 44.27 31.99
N SER A 156 -15.79 45.47 31.43
CA SER A 156 -15.76 46.70 32.21
C SER A 156 -16.46 47.79 31.42
N THR A 157 -16.94 48.79 32.15
CA THR A 157 -17.62 49.91 31.50
C THR A 157 -16.64 50.83 30.78
N GLU A 158 -15.36 50.82 31.16
CA GLU A 158 -14.37 51.72 30.59
C GLU A 158 -13.58 51.09 29.46
N ASP A 159 -13.87 49.85 29.08
CA ASP A 159 -13.17 49.17 27.99
C ASP A 159 -14.12 48.95 26.82
N VAL A 160 -13.61 49.23 25.62
CA VAL A 160 -14.37 49.10 24.38
C VAL A 160 -13.54 48.29 23.39
N TYR A 161 -14.18 47.35 22.71
CA TYR A 161 -13.48 46.40 21.85
C TYR A 161 -13.94 46.51 20.40
N ASP A 162 -13.08 46.03 19.49
CA ASP A 162 -13.37 46.01 18.07
C ASP A 162 -12.68 44.80 17.45
N CYS A 163 -13.23 44.31 16.34
CA CYS A 163 -12.63 43.25 15.54
C CYS A 163 -12.40 43.80 14.14
N ARG A 164 -11.13 44.04 13.80
CA ARG A 164 -10.75 44.58 12.50
C ARG A 164 -10.36 43.43 11.59
N VAL A 165 -11.04 43.31 10.45
CA VAL A 165 -10.83 42.23 9.50
C VAL A 165 -10.44 42.82 8.16
N GLU A 166 -9.33 42.33 7.59
CA GLU A 166 -8.85 42.76 6.29
C GLU A 166 -9.02 41.61 5.30
N HIS A 167 -9.66 41.90 4.16
CA HIS A 167 -9.85 40.92 3.12
C HIS A 167 -9.72 41.60 1.76
N TRP A 168 -9.26 40.83 0.77
CA TRP A 168 -9.08 41.39 -0.57
C TRP A 168 -10.40 41.76 -1.23
N GLY A 169 -11.50 41.14 -0.83
CA GLY A 169 -12.80 41.54 -1.34
C GLY A 169 -13.36 42.79 -0.72
N LEU A 170 -12.71 43.34 0.29
CA LEU A 170 -13.13 44.56 0.96
C LEU A 170 -12.36 45.74 0.39
N ASP A 171 -13.10 46.80 0.02
CA ASP A 171 -12.45 48.02 -0.43
C ASP A 171 -11.76 48.77 0.70
N GLU A 172 -12.18 48.53 1.94
CA GLU A 172 -11.57 49.13 3.12
C GLU A 172 -11.68 48.14 4.26
N PRO A 173 -10.82 48.25 5.27
CA PRO A 173 -10.89 47.31 6.40
C PRO A 173 -12.25 47.37 7.09
N LEU A 174 -12.82 46.18 7.33
CA LEU A 174 -14.10 46.06 8.02
C LEU A 174 -13.87 46.01 9.52
N LEU A 175 -14.71 46.72 10.26
CA LEU A 175 -14.54 46.87 11.70
C LEU A 175 -15.88 46.70 12.38
N LYS A 176 -16.00 45.65 13.21
CA LYS A 176 -17.22 45.39 13.97
C LYS A 176 -16.99 45.74 15.43
N HIS A 177 -18.00 46.36 16.04
CA HIS A 177 -17.87 47.03 17.32
C HIS A 177 -18.61 46.25 18.42
N TRP A 178 -18.13 46.42 19.66
CA TRP A 178 -18.78 45.84 20.82
C TRP A 178 -18.43 46.67 22.05
N GLU A 179 -19.42 46.88 22.91
CA GLU A 179 -19.21 47.60 24.15
C GLU A 179 -20.31 47.21 25.13
N PHE A 180 -20.05 47.50 26.41
CA PHE A 180 -21.00 47.20 27.47
C PHE A 180 -22.01 48.32 27.58
N ASP A 181 -23.28 47.95 27.80
CA ASP A 181 -24.37 48.91 27.91
C ASP A 181 -24.13 49.95 29.00
N ASP B 2 -0.35 40.50 -3.32
CA ASP B 2 -1.05 41.82 -3.15
C ASP B 2 -1.96 42.07 -4.34
N THR B 3 -1.43 42.54 -5.47
CA THR B 3 -2.33 42.62 -6.61
C THR B 3 -2.42 41.35 -7.42
N ARG B 4 -1.50 40.40 -7.24
CA ARG B 4 -1.46 39.24 -8.10
C ARG B 4 -2.67 38.32 -7.85
N PRO B 5 -3.15 37.65 -8.89
CA PRO B 5 -4.38 36.85 -8.75
C PRO B 5 -4.14 35.58 -7.95
N ARG B 6 -5.25 35.00 -7.50
CA ARG B 6 -5.23 33.80 -6.68
C ARG B 6 -5.88 32.63 -7.41
N PHE B 7 -5.44 31.42 -7.06
CA PHE B 7 -5.99 30.19 -7.62
C PHE B 7 -6.15 29.19 -6.50
N LEU B 8 -7.33 28.57 -6.40
CA LEU B 8 -7.67 27.74 -5.26
C LEU B 8 -8.17 26.38 -5.74
N GLU B 9 -7.61 25.32 -5.15
CA GLU B 9 -8.05 23.95 -5.37
C GLU B 9 -8.62 23.42 -4.06
N GLN B 10 -9.81 22.83 -4.12
CA GLN B 10 -10.45 22.26 -2.93
C GLN B 10 -10.81 20.80 -3.19
N VAL B 11 -10.68 19.98 -2.15
CA VAL B 11 -11.09 18.58 -2.19
C VAL B 11 -11.91 18.30 -0.93
N LYS B 12 -13.07 17.68 -1.11
CA LYS B 12 -13.94 17.34 0.00
C LYS B 12 -14.39 15.90 -0.14
N HIS B 13 -14.04 15.07 0.85
CA HIS B 13 -14.48 13.67 0.93
C HIS B 13 -15.55 13.60 2.00
N GLU B 14 -16.80 13.44 1.58
CA GLU B 14 -17.95 13.59 2.46
C GLU B 14 -18.57 12.23 2.76
N CYS B 15 -18.89 12.02 4.03
CA CYS B 15 -19.61 10.83 4.49
C CYS B 15 -20.92 11.27 5.11
N HIS B 16 -22.03 10.85 4.52
CA HIS B 16 -23.37 11.20 5.00
C HIS B 16 -23.99 9.98 5.65
N PHE B 17 -24.34 10.11 6.93
CA PHE B 17 -24.87 9.01 7.72
C PHE B 17 -26.33 9.25 8.03
N PHE B 18 -27.17 8.26 7.71
CA PHE B 18 -28.59 8.27 8.02
C PHE B 18 -28.90 7.12 8.96
N ASN B 19 -29.31 7.45 10.18
CA ASN B 19 -29.56 6.48 11.24
C ASN B 19 -28.30 5.62 11.48
N GLY B 20 -27.29 6.30 11.99
CA GLY B 20 -26.03 5.63 12.27
C GLY B 20 -25.33 5.20 10.99
N THR B 21 -24.73 4.02 11.03
CA THR B 21 -24.00 3.47 9.88
C THR B 21 -24.87 2.55 9.03
N GLU B 22 -26.19 2.54 9.24
CA GLU B 22 -27.06 1.66 8.46
C GLU B 22 -27.13 2.10 7.00
N ARG B 23 -27.24 3.40 6.76
CA ARG B 23 -27.33 3.95 5.42
C ARG B 23 -26.28 5.05 5.29
N VAL B 24 -25.28 4.83 4.43
CA VAL B 24 -24.15 5.73 4.29
C VAL B 24 -23.98 6.09 2.82
N ARG B 25 -23.75 7.37 2.56
CA ARG B 25 -23.46 7.88 1.23
C ARG B 25 -22.09 8.54 1.24
N PHE B 26 -21.23 8.17 0.29
CA PHE B 26 -19.88 8.70 0.19
C PHE B 26 -19.76 9.58 -1.05
N LEU B 27 -19.16 10.76 -0.87
CA LEU B 27 -18.98 11.72 -1.94
C LEU B 27 -17.52 12.16 -1.98
N ASP B 28 -16.85 11.91 -3.11
CA ASP B 28 -15.48 12.36 -3.34
C ASP B 28 -15.53 13.52 -4.33
N ARG B 29 -15.28 14.73 -3.83
CA ARG B 29 -15.55 15.96 -4.57
C ARG B 29 -14.28 16.78 -4.75
N TYR B 30 -14.04 17.22 -5.98
CA TYR B 30 -12.90 18.06 -6.32
C TYR B 30 -13.41 19.40 -6.83
N PHE B 31 -12.73 20.48 -6.42
CA PHE B 31 -13.18 21.83 -6.72
C PHE B 31 -12.04 22.67 -7.27
N TYR B 32 -12.39 23.56 -8.20
CA TYR B 32 -11.51 24.63 -8.66
C TYR B 32 -12.21 25.94 -8.37
N HIS B 33 -11.63 26.69 -7.44
CA HIS B 33 -12.24 27.94 -6.90
C HIS B 33 -13.42 27.49 -6.04
N GLN B 34 -14.65 27.74 -6.47
CA GLN B 34 -15.83 27.25 -5.71
C GLN B 34 -16.63 26.33 -6.62
N GLU B 35 -16.08 25.95 -7.76
CA GLU B 35 -16.78 25.11 -8.74
C GLU B 35 -16.36 23.65 -8.63
N GLU B 36 -17.32 22.76 -8.40
CA GLU B 36 -17.06 21.30 -8.35
C GLU B 36 -16.93 20.84 -9.80
N TYR B 37 -15.79 20.26 -10.16
CA TYR B 37 -15.57 19.83 -11.54
C TYR B 37 -15.63 18.32 -11.74
N VAL B 38 -15.49 17.52 -10.68
CA VAL B 38 -15.60 16.07 -10.79
C VAL B 38 -16.01 15.53 -9.43
N ARG B 39 -16.72 14.39 -9.45
CA ARG B 39 -17.32 13.86 -8.24
C ARG B 39 -17.51 12.35 -8.36
N PHE B 40 -17.23 11.63 -7.28
CA PHE B 40 -17.62 10.25 -7.13
C PHE B 40 -18.79 10.17 -6.15
N ASP B 41 -19.90 9.61 -6.59
CA ASP B 41 -21.08 9.41 -5.76
C ASP B 41 -21.28 7.92 -5.56
N SER B 42 -21.31 7.49 -4.30
CA SER B 42 -21.52 6.07 -4.01
C SER B 42 -22.86 5.56 -4.52
N ASP B 43 -23.83 6.45 -4.70
CA ASP B 43 -25.08 6.07 -5.36
C ASP B 43 -24.90 5.85 -6.86
N VAL B 44 -23.89 6.47 -7.45
CA VAL B 44 -23.64 6.31 -8.88
C VAL B 44 -22.68 5.16 -9.16
N GLY B 45 -21.61 5.06 -8.37
CA GLY B 45 -20.66 3.97 -8.52
C GLY B 45 -19.45 4.24 -9.38
N GLU B 46 -19.29 5.47 -9.87
CA GLU B 46 -18.15 5.83 -10.69
C GLU B 46 -17.96 7.33 -10.62
N TYR B 47 -16.81 7.80 -11.12
CA TYR B 47 -16.56 9.22 -11.22
C TYR B 47 -17.35 9.83 -12.36
N ARG B 48 -17.85 11.04 -12.14
CA ARG B 48 -18.62 11.77 -13.13
C ARG B 48 -18.16 13.22 -13.15
N ALA B 49 -18.02 13.77 -14.35
CA ALA B 49 -17.64 15.17 -14.48
C ALA B 49 -18.84 16.05 -14.16
N VAL B 50 -18.68 16.93 -13.17
CA VAL B 50 -19.73 17.88 -12.85
C VAL B 50 -19.79 18.99 -13.89
N THR B 51 -18.64 19.49 -14.31
CA THR B 51 -18.50 20.42 -15.43
C THR B 51 -17.54 19.81 -16.44
N GLU B 52 -17.36 20.53 -17.56
CA GLU B 52 -16.41 20.08 -18.58
C GLU B 52 -14.98 20.06 -18.06
N LEU B 53 -14.69 20.79 -16.98
CA LEU B 53 -13.34 20.86 -16.45
C LEU B 53 -12.86 19.52 -15.91
N GLY B 54 -13.75 18.70 -15.39
CA GLY B 54 -13.41 17.41 -14.83
C GLY B 54 -13.57 16.24 -15.77
N ARG B 55 -13.89 16.47 -17.04
CA ARG B 55 -14.04 15.37 -17.99
C ARG B 55 -12.77 14.54 -18.16
N PRO B 56 -11.56 15.13 -18.23
CA PRO B 56 -10.36 14.26 -18.30
C PRO B 56 -10.15 13.41 -17.06
N ASP B 57 -10.40 13.96 -15.88
CA ASP B 57 -10.18 13.20 -14.64
C ASP B 57 -11.15 12.05 -14.51
N ALA B 58 -12.44 12.29 -14.81
CA ALA B 58 -13.44 11.23 -14.70
C ALA B 58 -13.10 10.06 -15.62
N GLU B 59 -12.70 10.34 -16.85
CA GLU B 59 -12.31 9.28 -17.78
C GLU B 59 -11.03 8.59 -17.33
N TYR B 60 -10.05 9.37 -16.88
CA TYR B 60 -8.77 8.80 -16.48
C TYR B 60 -8.92 7.96 -15.20
N TRP B 61 -9.61 8.50 -14.20
CA TRP B 61 -9.70 7.81 -12.92
C TRP B 61 -10.51 6.52 -13.03
N ASN B 62 -11.62 6.56 -13.76
CA ASN B 62 -12.46 5.36 -13.89
C ASN B 62 -11.73 4.22 -14.59
N SER B 63 -10.67 4.51 -15.34
CA SER B 63 -9.92 3.49 -16.05
C SER B 63 -8.77 2.91 -15.23
N GLN B 64 -8.42 3.52 -14.10
CA GLN B 64 -7.30 3.05 -13.31
C GLN B 64 -7.58 1.69 -12.71
N LYS B 65 -6.52 0.88 -12.61
CA LYS B 65 -6.65 -0.46 -12.03
C LYS B 65 -7.08 -0.38 -10.58
N ASP B 66 -8.18 -1.05 -10.24
CA ASP B 66 -8.75 -1.17 -8.90
C ASP B 66 -9.37 0.12 -8.38
N LEU B 67 -9.52 1.14 -9.22
CA LEU B 67 -10.08 2.40 -8.74
C LEU B 67 -11.56 2.24 -8.37
N LEU B 68 -12.37 1.72 -9.31
CA LEU B 68 -13.79 1.57 -9.05
C LEU B 68 -14.05 0.65 -7.87
N GLU B 69 -13.24 -0.41 -7.74
CA GLU B 69 -13.39 -1.30 -6.60
C GLU B 69 -13.07 -0.59 -5.29
N GLN B 70 -12.05 0.28 -5.31
CA GLN B 70 -11.65 0.98 -4.09
C GLN B 70 -12.72 1.98 -3.66
N LYS B 71 -13.16 2.83 -4.58
CA LYS B 71 -14.09 3.89 -4.22
C LYS B 71 -15.48 3.35 -3.87
N ARG B 72 -15.85 2.19 -4.42
CA ARG B 72 -17.13 1.59 -4.05
C ARG B 72 -17.08 0.97 -2.66
N ALA B 73 -15.89 0.73 -2.11
CA ALA B 73 -15.74 0.21 -0.77
C ALA B 73 -15.54 1.30 0.27
N ALA B 74 -15.55 2.57 -0.15
CA ALA B 74 -15.22 3.66 0.76
C ALA B 74 -16.25 3.84 1.86
N VAL B 75 -17.52 3.45 1.61
CA VAL B 75 -18.54 3.57 2.66
C VAL B 75 -18.20 2.69 3.85
N ASP B 76 -17.47 1.60 3.63
CA ASP B 76 -17.06 0.71 4.71
C ASP B 76 -15.66 1.01 5.21
N THR B 77 -14.68 1.08 4.30
CA THR B 77 -13.29 1.25 4.70
C THR B 77 -12.98 2.67 5.18
N TYR B 78 -13.81 3.64 4.81
CA TYR B 78 -13.54 5.04 5.14
C TYR B 78 -14.65 5.65 5.98
N CYS B 79 -15.88 5.67 5.48
CA CYS B 79 -16.96 6.36 6.19
C CYS B 79 -17.33 5.64 7.49
N ARG B 80 -17.72 4.37 7.39
CA ARG B 80 -18.16 3.65 8.59
C ARG B 80 -17.02 3.49 9.59
N HIS B 81 -15.77 3.43 9.11
CA HIS B 81 -14.65 3.31 10.02
C HIS B 81 -14.44 4.59 10.82
N ASN B 82 -14.35 5.73 10.13
CA ASN B 82 -14.12 6.99 10.81
C ASN B 82 -15.31 7.37 11.69
N TYR B 83 -16.51 6.90 11.34
CA TYR B 83 -17.66 7.11 12.21
C TYR B 83 -17.45 6.45 13.57
N GLY B 84 -16.96 5.21 13.58
CA GLY B 84 -16.76 4.50 14.83
C GLY B 84 -15.57 4.99 15.63
N VAL B 85 -14.55 5.52 14.95
CA VAL B 85 -13.36 6.00 15.66
C VAL B 85 -13.71 7.15 16.59
N GLY B 86 -14.52 8.09 16.12
CA GLY B 86 -14.91 9.24 16.90
C GLY B 86 -16.30 9.20 17.49
N GLU B 87 -16.95 8.05 17.51
CA GLU B 87 -18.34 7.98 17.94
C GLU B 87 -18.51 8.38 19.40
N SER B 88 -17.55 7.99 20.25
CA SER B 88 -17.72 8.18 21.69
C SER B 88 -17.68 9.65 22.08
N PHE B 89 -17.02 10.50 21.30
CA PHE B 89 -16.89 11.91 21.64
C PHE B 89 -17.48 12.84 20.59
N THR B 90 -18.21 12.30 19.60
CA THR B 90 -18.90 13.13 18.62
C THR B 90 -20.38 12.79 18.57
N VAL B 91 -20.75 11.61 18.07
CA VAL B 91 -22.16 11.23 18.02
C VAL B 91 -22.75 11.14 19.42
N GLN B 92 -21.97 10.63 20.37
CA GLN B 92 -22.44 10.44 21.73
C GLN B 92 -22.06 11.60 22.66
N ARG B 93 -21.55 12.70 22.12
CA ARG B 93 -21.20 13.84 22.94
C ARG B 93 -22.45 14.53 23.44
N ARG B 94 -22.53 14.73 24.75
CA ARG B 94 -23.67 15.41 25.37
C ARG B 94 -23.15 16.41 26.39
N VAL B 95 -23.46 17.68 26.19
CA VAL B 95 -23.14 18.75 27.13
C VAL B 95 -24.43 19.49 27.46
N TYR B 96 -24.84 19.46 28.73
CA TYR B 96 -26.15 20.00 29.03
C TYR B 96 -26.13 21.53 29.07
N PRO B 97 -27.25 22.16 28.77
CA PRO B 97 -27.26 23.63 28.65
C PRO B 97 -27.22 24.35 29.98
N GLU B 98 -26.69 25.57 29.93
CA GLU B 98 -26.61 26.46 31.09
C GLU B 98 -27.60 27.60 30.84
N VAL B 99 -28.68 27.61 31.62
CA VAL B 99 -29.83 28.46 31.34
C VAL B 99 -29.91 29.57 32.38
N THR B 100 -30.03 30.81 31.91
CA THR B 100 -30.24 31.97 32.75
C THR B 100 -31.39 32.79 32.18
N VAL B 101 -32.28 33.25 33.05
CA VAL B 101 -33.45 34.03 32.66
C VAL B 101 -33.35 35.41 33.32
N TYR B 102 -33.33 36.46 32.50
CA TYR B 102 -33.22 37.82 32.99
C TYR B 102 -33.92 38.74 32.02
N PRO B 103 -34.52 39.84 32.49
CA PRO B 103 -35.17 40.78 31.58
C PRO B 103 -34.23 41.88 31.10
N ALA B 104 -34.63 42.54 30.02
CA ALA B 104 -33.88 43.63 29.43
C ALA B 104 -34.78 44.82 29.19
N LYS B 105 -34.17 45.98 28.95
CA LYS B 105 -34.90 47.21 28.69
C LYS B 105 -34.77 47.57 27.21
N THR B 106 -35.91 47.84 26.58
CA THR B 106 -35.93 48.18 25.16
C THR B 106 -35.49 49.62 24.94
N VAL B 116 -36.10 37.29 28.37
CA VAL B 116 -34.90 36.75 27.74
C VAL B 116 -34.45 35.47 28.44
N CYS B 117 -34.48 34.36 27.71
CA CYS B 117 -33.99 33.07 28.19
C CYS B 117 -32.70 32.75 27.45
N SER B 118 -31.58 32.84 28.15
CA SER B 118 -30.26 32.62 27.56
C SER B 118 -29.84 31.18 27.80
N VAL B 119 -29.66 30.43 26.72
CA VAL B 119 -29.24 29.03 26.77
C VAL B 119 -27.84 28.97 26.16
N ASN B 120 -26.87 28.50 26.94
CA ASN B 120 -25.46 28.58 26.55
C ASN B 120 -24.74 27.27 26.78
N GLY B 121 -23.72 27.03 25.95
CA GLY B 121 -22.76 25.96 26.15
C GLY B 121 -23.30 24.55 26.10
N PHE B 122 -24.22 24.26 25.19
CA PHE B 122 -24.80 22.93 25.07
C PHE B 122 -24.38 22.25 23.79
N TYR B 123 -24.46 20.93 23.79
CA TYR B 123 -24.17 20.10 22.62
C TYR B 123 -24.92 18.78 22.77
N PRO B 124 -25.53 18.29 21.67
CA PRO B 124 -25.51 18.83 20.31
C PRO B 124 -26.43 20.03 20.08
N GLY B 125 -26.62 20.38 18.80
CA GLY B 125 -27.35 21.59 18.47
C GLY B 125 -28.85 21.47 18.57
N SER B 126 -29.38 20.25 18.41
CA SER B 126 -30.82 20.04 18.54
C SER B 126 -31.29 20.43 19.94
N ILE B 127 -32.17 21.43 20.02
CA ILE B 127 -32.68 21.92 21.29
C ILE B 127 -34.08 22.44 21.08
N GLU B 128 -34.83 22.55 22.17
CA GLU B 128 -36.23 22.96 22.11
C GLU B 128 -36.55 23.73 23.38
N VAL B 129 -36.96 24.99 23.23
CA VAL B 129 -37.16 25.89 24.34
C VAL B 129 -38.50 26.60 24.20
N ARG B 130 -39.22 26.74 25.32
CA ARG B 130 -40.55 27.32 25.33
C ARG B 130 -40.68 28.30 26.49
N TRP B 131 -41.60 29.24 26.34
CA TRP B 131 -41.97 30.17 27.40
C TRP B 131 -43.31 29.76 27.99
N PHE B 132 -43.38 29.71 29.31
CA PHE B 132 -44.60 29.40 30.05
C PHE B 132 -44.91 30.54 31.01
N ARG B 133 -46.16 31.00 31.01
CA ARG B 133 -46.55 32.13 31.86
C ARG B 133 -48.06 32.24 32.05
N ASN B 134 -48.60 31.59 33.07
CA ASN B 134 -47.85 30.68 33.94
C ASN B 134 -48.57 29.33 33.96
N GLY B 135 -47.80 28.24 33.82
CA GLY B 135 -48.38 26.93 33.68
C GLY B 135 -49.04 26.66 32.35
N GLN B 136 -49.12 27.65 31.46
CA GLN B 136 -49.61 27.47 30.11
C GLN B 136 -48.65 28.17 29.16
N GLU B 137 -48.19 27.44 28.15
CA GLU B 137 -47.14 27.97 27.28
C GLU B 137 -47.66 29.14 26.45
N GLU B 138 -46.82 30.17 26.34
CA GLU B 138 -47.14 31.39 25.62
C GLU B 138 -46.55 31.31 24.21
N LYS B 139 -47.42 31.31 23.21
CA LYS B 139 -47.01 31.18 21.82
C LYS B 139 -46.91 32.51 21.09
N THR B 140 -47.20 33.62 21.76
CA THR B 140 -47.20 34.94 21.14
C THR B 140 -46.12 35.81 21.79
N GLY B 141 -45.43 36.58 20.95
CA GLY B 141 -44.37 37.44 21.44
C GLY B 141 -43.04 36.76 21.63
N VAL B 142 -42.84 35.56 21.07
CA VAL B 142 -41.59 34.85 21.22
C VAL B 142 -40.62 35.33 20.15
N VAL B 143 -39.42 35.74 20.58
CA VAL B 143 -38.38 36.22 19.67
C VAL B 143 -37.16 35.34 19.90
N SER B 144 -36.87 34.47 18.94
CA SER B 144 -35.79 33.50 19.05
C SER B 144 -34.63 33.91 18.17
N THR B 145 -33.45 34.02 18.78
CA THR B 145 -32.26 34.38 18.01
C THR B 145 -31.85 33.27 17.05
N GLY B 146 -32.22 32.03 17.35
CA GLY B 146 -31.82 30.90 16.55
C GLY B 146 -30.57 30.22 17.09
N LEU B 147 -30.24 29.09 16.49
CA LEU B 147 -29.10 28.30 16.93
C LEU B 147 -27.80 28.96 16.48
N ILE B 148 -26.88 29.16 17.42
CA ILE B 148 -25.60 29.83 17.18
C ILE B 148 -24.49 28.87 17.53
N GLN B 149 -23.60 28.61 16.57
CA GLN B 149 -22.47 27.72 16.77
C GLN B 149 -21.27 28.53 17.25
N ASN B 150 -20.74 28.16 18.41
CA ASN B 150 -19.62 28.90 18.99
C ASN B 150 -18.27 28.50 18.39
N GLY B 151 -18.21 27.43 17.61
CA GLY B 151 -16.96 26.97 17.03
C GLY B 151 -16.09 26.16 17.95
N ASP B 152 -16.50 25.92 19.20
CA ASP B 152 -15.74 25.16 20.16
C ASP B 152 -16.52 23.94 20.65
N TRP B 153 -17.34 23.37 19.77
CA TRP B 153 -18.20 22.22 20.08
C TRP B 153 -19.23 22.56 21.15
N THR B 154 -19.65 23.82 21.21
CA THR B 154 -20.76 24.25 22.05
C THR B 154 -21.66 25.17 21.24
N PHE B 155 -22.93 25.22 21.65
CA PHE B 155 -23.92 26.07 21.02
C PHE B 155 -24.50 27.04 22.04
N GLN B 156 -25.20 28.05 21.54
CA GLN B 156 -25.92 28.99 22.37
C GLN B 156 -27.09 29.56 21.59
N THR B 157 -28.06 30.10 22.32
CA THR B 157 -29.24 30.70 21.70
C THR B 157 -29.93 31.60 22.72
N LEU B 158 -30.56 32.65 22.21
CA LEU B 158 -31.33 33.59 23.03
C LEU B 158 -32.76 33.59 22.54
N VAL B 159 -33.69 33.32 23.44
CA VAL B 159 -35.12 33.27 23.12
C VAL B 159 -35.82 34.27 24.02
N MET B 160 -36.34 35.34 23.43
CA MET B 160 -36.86 36.48 24.16
C MET B 160 -38.38 36.47 24.20
N LEU B 161 -38.93 37.14 25.21
CA LEU B 161 -40.38 37.27 25.37
C LEU B 161 -40.65 38.60 26.05
N GLU B 162 -41.56 39.38 25.48
CA GLU B 162 -41.98 40.66 26.07
C GLU B 162 -43.47 40.59 26.36
N THR B 163 -43.84 40.72 27.64
CA THR B 163 -45.22 40.58 28.06
C THR B 163 -45.55 41.66 29.08
N GLU B 169 -46.85 37.36 38.36
CA GLU B 169 -46.82 36.34 37.33
C GLU B 169 -45.53 35.53 37.40
N VAL B 170 -45.66 34.21 37.29
CA VAL B 170 -44.51 33.32 37.34
C VAL B 170 -44.09 33.01 35.91
N TYR B 171 -42.83 33.30 35.58
CA TYR B 171 -42.28 33.03 34.26
C TYR B 171 -41.33 31.85 34.35
N THR B 172 -41.55 30.84 33.53
CA THR B 172 -40.71 29.65 33.50
C THR B 172 -40.27 29.38 32.07
N CYS B 173 -38.96 29.32 31.87
CA CYS B 173 -38.39 28.95 30.58
C CYS B 173 -38.09 27.45 30.59
N GLN B 174 -38.66 26.72 29.64
CA GLN B 174 -38.56 25.27 29.59
C GLN B 174 -37.64 24.89 28.43
N VAL B 175 -36.53 24.23 28.74
CA VAL B 175 -35.54 23.82 27.75
C VAL B 175 -35.50 22.31 27.68
N GLU B 176 -35.66 21.76 26.48
CA GLU B 176 -35.57 20.33 26.23
C GLU B 176 -34.38 20.07 25.31
N HIS B 177 -33.46 19.23 25.77
CA HIS B 177 -32.19 18.99 25.09
C HIS B 177 -31.83 17.51 25.24
N PRO B 178 -31.22 16.91 24.21
CA PRO B 178 -30.93 15.47 24.27
C PRO B 178 -29.98 15.06 25.38
N SER B 179 -29.35 16.00 26.08
CA SER B 179 -28.47 15.66 27.19
C SER B 179 -29.23 15.34 28.47
N LEU B 180 -30.50 15.74 28.56
CA LEU B 180 -31.30 15.56 29.77
C LEU B 180 -32.46 14.62 29.48
N THR B 181 -32.83 13.83 30.49
CA THR B 181 -33.95 12.90 30.36
C THR B 181 -35.29 13.57 30.58
N SER B 182 -35.32 14.74 31.21
CA SER B 182 -36.55 15.46 31.51
C SER B 182 -36.35 16.92 31.18
N PRO B 183 -37.43 17.69 31.01
CA PRO B 183 -37.28 19.11 30.69
C PRO B 183 -36.59 19.89 31.80
N LEU B 184 -35.85 20.92 31.39
CA LEU B 184 -35.18 21.83 32.30
C LEU B 184 -36.00 23.12 32.40
N THR B 185 -36.31 23.53 33.62
CA THR B 185 -37.15 24.69 33.88
C THR B 185 -36.42 25.69 34.75
N VAL B 186 -36.52 26.97 34.39
CA VAL B 186 -35.94 28.07 35.15
C VAL B 186 -37.04 29.11 35.35
N GLU B 187 -37.32 29.46 36.59
CA GLU B 187 -38.39 30.39 36.91
C GLU B 187 -37.84 31.79 37.20
N TRP B 188 -38.74 32.78 37.14
CA TRP B 188 -38.38 34.16 37.42
C TRP B 188 -39.60 34.93 37.92
N GLY C 1 -8.86 4.57 18.50
CA GLY C 1 -8.85 4.25 17.08
C GLY C 1 -8.08 5.26 16.26
N GLY C 2 -7.83 4.94 14.99
CA GLY C 2 -7.10 5.83 14.13
C GLY C 2 -7.91 6.31 12.95
N TYR C 3 -7.98 7.62 12.76
CA TYR C 3 -8.69 8.18 11.62
C TYR C 3 -7.98 7.81 10.32
N ARG C 4 -8.75 7.53 9.28
CA ARG C 4 -8.22 7.09 8.00
C ARG C 4 -8.38 8.20 6.97
N ALA C 5 -7.30 8.77 6.47
CA ALA C 5 -7.47 9.79 5.41
C ALA C 5 -7.72 9.06 4.10
C CIR C 6 -7.93 10.08 1.20
O CIR C 6 -7.88 11.27 1.27
CA CIR C 6 -8.96 9.40 2.02
N CIR C 6 -8.71 9.74 3.40
C3 CIR C 6 -10.26 10.01 1.60
C4 CIR C 6 -10.86 9.20 0.51
C5 CIR C 6 -11.04 7.83 1.08
N6 CIR C 6 -11.69 6.97 0.17
C7 CIR C 6 -11.07 5.91 -0.22
O7 CIR C 6 -11.24 5.48 -1.31
N8 CIR C 6 -10.24 5.34 0.62
N PRO C 7 -7.15 9.35 0.42
CA PRO C 7 -6.07 9.90 -0.38
C PRO C 7 -6.54 10.72 -1.59
N ALA C 8 -5.89 11.83 -1.81
CA ALA C 8 -6.17 12.69 -2.95
C ALA C 8 -5.56 12.07 -4.19
N LYS C 9 -6.28 12.16 -5.31
CA LYS C 9 -5.86 11.53 -6.56
C LYS C 9 -5.18 12.54 -7.48
N ALA C 10 -4.12 12.09 -8.15
CA ALA C 10 -3.41 12.95 -9.09
C ALA C 10 -4.25 13.15 -10.35
N ALA C 11 -4.41 14.41 -10.74
CA ALA C 11 -5.25 14.74 -11.88
C ALA C 11 -4.61 14.27 -13.19
N ALA C 12 -5.46 14.05 -14.19
CA ALA C 12 -4.98 13.70 -15.51
C ALA C 12 -4.26 14.88 -16.14
N THR C 13 -3.19 14.58 -16.89
CA THR C 13 -2.38 15.63 -17.50
C THR C 13 -2.67 15.75 -19.00
N ASP D 2 3.93 -4.93 12.87
CA ASP D 2 5.33 -4.86 13.27
C ASP D 2 6.06 -6.17 12.93
N SER D 3 5.35 -7.29 13.00
CA SER D 3 5.96 -8.58 12.75
C SER D 3 4.92 -9.55 12.22
N VAL D 4 5.33 -10.42 11.30
CA VAL D 4 4.49 -11.47 10.75
C VAL D 4 5.29 -12.77 10.80
N THR D 5 4.68 -13.83 11.34
CA THR D 5 5.33 -15.13 11.48
C THR D 5 4.50 -16.17 10.73
N GLN D 6 5.14 -16.88 9.80
CA GLN D 6 4.48 -17.92 9.03
C GLN D 6 5.34 -19.18 9.05
N THR D 7 4.76 -20.26 8.53
CA THR D 7 5.45 -21.54 8.45
C THR D 7 6.80 -21.38 7.76
N GLU D 8 7.84 -21.93 8.39
CA GLU D 8 9.20 -21.72 7.93
C GLU D 8 9.62 -22.78 6.92
N GLY D 9 10.37 -22.35 5.91
CA GLY D 9 11.04 -23.28 5.03
C GLY D 9 10.13 -23.92 3.99
N GLN D 10 10.49 -25.14 3.63
CA GLN D 10 9.86 -25.90 2.53
C GLN D 10 8.82 -26.88 3.07
N VAL D 11 7.66 -26.94 2.42
CA VAL D 11 6.60 -27.87 2.78
C VAL D 11 6.30 -28.74 1.56
N THR D 12 6.34 -30.05 1.76
CA THR D 12 6.07 -31.02 0.70
C THR D 12 4.74 -31.70 1.00
N VAL D 13 3.81 -31.63 0.05
CA VAL D 13 2.48 -32.19 0.19
C VAL D 13 2.14 -32.98 -1.06
N SER D 14 1.57 -34.17 -0.88
CA SER D 14 1.07 -34.94 -2.01
C SER D 14 -0.18 -34.28 -2.59
N GLU D 15 -0.33 -34.39 -3.90
CA GLU D 15 -1.50 -33.82 -4.56
C GLU D 15 -2.77 -34.47 -4.03
N SER D 16 -3.83 -33.66 -3.89
CA SER D 16 -5.15 -33.98 -3.37
C SER D 16 -5.18 -34.03 -1.85
N LYS D 17 -4.05 -33.82 -1.17
CA LYS D 17 -4.07 -33.69 0.28
C LYS D 17 -4.47 -32.27 0.68
N SER D 18 -4.99 -32.15 1.90
CA SER D 18 -5.32 -30.84 2.44
C SER D 18 -4.05 -30.15 2.93
N LEU D 19 -4.06 -28.82 2.90
CA LEU D 19 -2.91 -28.01 3.25
C LEU D 19 -3.31 -26.91 4.20
N ILE D 20 -2.43 -26.62 5.15
CA ILE D 20 -2.54 -25.43 5.98
C ILE D 20 -1.16 -24.79 6.08
N ILE D 21 -1.10 -23.49 5.84
CA ILE D 21 0.11 -22.70 6.03
C ILE D 21 -0.22 -21.68 7.12
N ASN D 22 0.44 -21.82 8.27
CA ASN D 22 0.13 -20.96 9.40
C ASN D 22 0.70 -19.57 9.21
N CYS D 23 -0.01 -18.58 9.73
CA CYS D 23 0.48 -17.21 9.75
C CYS D 23 -0.16 -16.49 10.92
N THR D 24 0.67 -15.92 11.80
CA THR D 24 0.21 -15.09 12.89
C THR D 24 0.92 -13.74 12.82
N TYR D 25 0.25 -12.71 13.31
CA TYR D 25 0.79 -11.37 13.34
C TYR D 25 0.80 -10.83 14.77
N SER D 26 1.72 -9.92 15.04
CA SER D 26 1.87 -9.32 16.36
C SER D 26 1.08 -8.02 16.41
N ALA D 27 -0.06 -8.04 17.09
CA ALA D 27 -0.88 -6.84 17.28
C ALA D 27 -0.24 -5.99 18.35
N THR D 28 0.72 -5.15 17.95
CA THR D 28 1.47 -4.33 18.90
C THR D 28 1.13 -2.86 18.72
N SER D 29 1.82 -2.19 17.80
CA SER D 29 1.56 -0.77 17.53
C SER D 29 0.42 -0.56 16.55
N ILE D 30 0.25 -1.46 15.59
CA ILE D 30 -0.88 -1.38 14.66
C ILE D 30 -2.08 -2.04 15.30
N ALA D 31 -3.14 -1.25 15.53
CA ALA D 31 -4.34 -1.75 16.18
C ALA D 31 -5.26 -2.52 15.25
N TYR D 32 -5.19 -2.28 13.94
CA TYR D 32 -6.16 -2.91 13.01
C TYR D 32 -5.53 -3.14 11.64
N PRO D 33 -4.74 -4.20 11.43
CA PRO D 33 -4.06 -4.35 10.17
C PRO D 33 -4.85 -4.92 9.00
N ASN D 34 -4.31 -4.70 7.81
CA ASN D 34 -4.83 -5.40 6.64
C ASN D 34 -3.95 -6.62 6.40
N LEU D 35 -4.59 -7.73 6.02
CA LEU D 35 -3.88 -9.00 5.89
C LEU D 35 -3.92 -9.48 4.45
N PHE D 36 -2.78 -9.97 3.98
CA PHE D 36 -2.60 -10.37 2.59
C PHE D 36 -1.90 -11.72 2.51
N TRP D 37 -2.17 -12.44 1.43
CA TRP D 37 -1.35 -13.57 1.00
C TRP D 37 -0.90 -13.29 -0.42
N TYR D 38 0.42 -13.26 -0.63
CA TYR D 38 1.00 -13.13 -1.95
C TYR D 38 1.65 -14.45 -2.35
N VAL D 39 1.67 -14.70 -3.66
CA VAL D 39 2.15 -15.97 -4.19
C VAL D 39 3.11 -15.68 -5.35
N ARG D 40 4.20 -16.44 -5.42
CA ARG D 40 5.17 -16.34 -6.50
C ARG D 40 5.31 -17.74 -7.12
N TYR D 41 4.71 -17.91 -8.29
CA TYR D 41 4.82 -19.17 -9.02
C TYR D 41 6.21 -19.27 -9.66
N PRO D 42 6.68 -20.48 -9.93
CA PRO D 42 8.06 -20.65 -10.43
C PRO D 42 8.28 -19.89 -11.73
N GLY D 43 9.37 -19.13 -11.76
CA GLY D 43 9.71 -18.34 -12.93
C GLY D 43 8.84 -17.12 -13.16
N GLU D 44 8.00 -16.75 -12.20
CA GLU D 44 7.12 -15.61 -12.33
C GLU D 44 7.41 -14.59 -11.23
N GLY D 45 6.68 -13.47 -11.27
CA GLY D 45 6.82 -12.45 -10.26
C GLY D 45 5.80 -12.59 -9.15
N LEU D 46 5.98 -11.78 -8.12
CA LEU D 46 5.07 -11.79 -6.97
C LEU D 46 3.70 -11.25 -7.37
N GLN D 47 2.65 -11.85 -6.83
CA GLN D 47 1.29 -11.42 -7.12
C GLN D 47 0.38 -11.78 -5.96
N LEU D 48 -0.72 -11.06 -5.86
CA LEU D 48 -1.67 -11.28 -4.76
C LEU D 48 -2.42 -12.59 -4.95
N LEU D 49 -2.48 -13.39 -3.89
CA LEU D 49 -3.37 -14.54 -3.85
C LEU D 49 -4.75 -14.13 -3.35
N LEU D 50 -4.80 -13.56 -2.16
CA LEU D 50 -6.05 -13.05 -1.60
C LEU D 50 -5.71 -12.07 -0.48
N LYS D 51 -6.71 -11.30 -0.07
CA LYS D 51 -6.53 -10.37 1.03
C LYS D 51 -7.84 -10.20 1.77
N VAL D 52 -7.75 -9.80 3.03
CA VAL D 52 -8.90 -9.48 3.86
C VAL D 52 -8.60 -8.18 4.58
N ILE D 53 -9.45 -7.17 4.36
CA ILE D 53 -9.27 -5.85 4.96
C ILE D 53 -10.28 -5.57 6.05
N THR D 54 -11.18 -6.51 6.35
CA THR D 54 -12.17 -6.36 7.42
C THR D 54 -11.93 -7.47 8.44
N ALA D 55 -11.73 -7.07 9.69
CA ALA D 55 -11.52 -8.05 10.75
C ALA D 55 -12.73 -8.96 10.87
N GLY D 56 -12.48 -10.26 10.88
CA GLY D 56 -13.55 -11.23 10.99
C GLY D 56 -13.83 -11.97 9.70
N GLN D 57 -13.79 -11.24 8.58
CA GLN D 57 -14.12 -11.85 7.30
C GLN D 57 -13.03 -12.82 6.86
N LYS D 58 -13.37 -13.64 5.87
CA LYS D 58 -12.42 -14.55 5.26
C LYS D 58 -12.38 -14.31 3.75
N GLY D 59 -11.20 -14.47 3.17
CA GLY D 59 -11.02 -14.32 1.75
C GLY D 59 -10.67 -15.63 1.09
N SER D 60 -10.96 -15.76 -0.21
CA SER D 60 -10.75 -17.02 -0.89
C SER D 60 -10.39 -16.75 -2.35
N SER D 61 -9.53 -17.61 -2.89
CA SER D 61 -9.10 -17.52 -4.28
C SER D 61 -8.36 -18.80 -4.65
N ARG D 62 -8.64 -19.31 -5.85
CA ARG D 62 -7.94 -20.47 -6.41
C ARG D 62 -8.02 -21.67 -5.47
N GLY D 63 -9.18 -21.84 -4.83
CA GLY D 63 -9.36 -22.91 -3.87
C GLY D 63 -8.73 -22.66 -2.52
N PHE D 64 -7.98 -21.60 -2.35
CA PHE D 64 -7.40 -21.25 -1.06
C PHE D 64 -8.39 -20.42 -0.25
N GLU D 65 -8.10 -20.28 1.03
CA GLU D 65 -9.03 -19.67 1.96
C GLU D 65 -8.26 -19.24 3.20
N ALA D 66 -8.54 -18.02 3.68
CA ALA D 66 -7.87 -17.50 4.86
C ALA D 66 -8.84 -16.63 5.63
N THR D 67 -8.89 -16.81 6.95
CA THR D 67 -9.80 -16.08 7.83
C THR D 67 -9.01 -15.10 8.68
N TYR D 68 -9.36 -13.82 8.58
CA TYR D 68 -8.84 -12.79 9.46
C TYR D 68 -9.35 -13.04 10.87
N ASN D 69 -8.65 -13.86 11.65
CA ASN D 69 -9.11 -14.22 12.98
C ASN D 69 -8.63 -13.17 13.97
N LYS D 70 -9.57 -12.32 14.40
CA LYS D 70 -9.36 -11.32 15.44
C LYS D 70 -8.72 -11.93 16.68
N GLU D 71 -9.45 -12.85 17.31
CA GLU D 71 -9.07 -13.31 18.64
C GLU D 71 -7.75 -14.08 18.63
N THR D 72 -7.53 -14.88 17.59
CA THR D 72 -6.31 -15.67 17.47
C THR D 72 -5.16 -14.90 16.83
N THR D 73 -5.42 -13.71 16.29
CA THR D 73 -4.40 -12.90 15.60
C THR D 73 -3.67 -13.72 14.55
N SER D 74 -4.46 -14.43 13.74
CA SER D 74 -3.91 -15.33 12.74
C SER D 74 -4.60 -15.10 11.40
N PHE D 75 -3.97 -15.62 10.35
CA PHE D 75 -4.46 -15.51 8.99
C PHE D 75 -4.01 -16.77 8.23
N HIS D 76 -4.37 -17.93 8.77
CA HIS D 76 -3.91 -19.20 8.22
C HIS D 76 -4.49 -19.45 6.83
N LEU D 77 -3.66 -19.99 5.95
CA LEU D 77 -4.05 -20.30 4.58
C LEU D 77 -4.34 -21.79 4.47
N GLN D 78 -5.52 -22.13 3.96
CA GLN D 78 -5.95 -23.53 3.85
C GLN D 78 -6.45 -23.82 2.45
N LYS D 79 -6.33 -25.10 2.06
CA LYS D 79 -6.90 -25.60 0.81
C LYS D 79 -7.20 -27.08 1.00
N ALA D 80 -8.40 -27.50 0.59
CA ALA D 80 -8.85 -28.86 0.88
C ALA D 80 -8.14 -29.90 0.02
N SER D 81 -7.79 -29.56 -1.22
CA SER D 81 -7.13 -30.51 -2.13
C SER D 81 -6.14 -29.73 -2.99
N VAL D 82 -4.87 -29.80 -2.63
CA VAL D 82 -3.85 -29.07 -3.39
C VAL D 82 -3.61 -29.74 -4.73
N GLN D 83 -3.30 -28.92 -5.74
CA GLN D 83 -2.98 -29.38 -7.07
C GLN D 83 -1.51 -29.13 -7.36
N GLU D 84 -0.97 -29.87 -8.32
CA GLU D 84 0.45 -29.75 -8.62
C GLU D 84 0.80 -28.35 -9.10
N SER D 85 -0.15 -27.64 -9.70
CA SER D 85 0.08 -26.26 -10.13
C SER D 85 0.15 -25.28 -8.95
N ASP D 86 -0.17 -25.72 -7.73
CA ASP D 86 -0.08 -24.86 -6.56
C ASP D 86 1.35 -24.70 -6.06
N SER D 87 2.31 -25.44 -6.60
CA SER D 87 3.70 -25.32 -6.17
C SER D 87 4.20 -23.90 -6.41
N ALA D 88 4.59 -23.22 -5.33
CA ALA D 88 4.98 -21.82 -5.37
C ALA D 88 5.51 -21.38 -4.01
N VAL D 89 5.95 -20.13 -3.91
CA VAL D 89 6.31 -19.53 -2.63
C VAL D 89 5.16 -18.64 -2.19
N TYR D 90 4.69 -18.82 -0.96
CA TYR D 90 3.54 -18.12 -0.43
C TYR D 90 3.99 -17.20 0.69
N TYR D 91 3.68 -15.91 0.57
CA TYR D 91 4.07 -14.90 1.53
C TYR D 91 2.84 -14.38 2.26
N CYS D 92 2.91 -14.39 3.59
CA CYS D 92 1.93 -13.72 4.42
C CYS D 92 2.41 -12.29 4.71
N ALA D 93 1.49 -11.35 4.71
CA ALA D 93 1.87 -9.95 4.85
C ALA D 93 0.78 -9.17 5.55
N LEU D 94 1.17 -8.05 6.15
CA LEU D 94 0.24 -7.11 6.75
C LEU D 94 0.64 -5.69 6.40
N SER D 95 -0.30 -4.77 6.60
CA SER D 95 -0.03 -3.34 6.52
C SER D 95 -0.87 -2.63 7.55
N ASP D 96 -0.26 -1.65 8.24
CA ASP D 96 -1.00 -0.80 9.16
C ASP D 96 -2.08 -0.04 8.43
N SER D 97 -3.33 -0.16 8.89
CA SER D 97 -4.44 0.48 8.21
C SER D 97 -4.62 1.95 8.59
N SER D 98 -3.72 2.50 9.39
CA SER D 98 -3.84 3.87 9.85
C SER D 98 -2.91 4.84 9.11
N SER D 99 -2.03 4.33 8.24
CA SER D 99 -1.02 5.19 7.62
C SER D 99 -0.73 4.66 6.21
N PHE D 100 0.35 5.16 5.63
CA PHE D 100 0.75 4.78 4.27
C PHE D 100 0.85 3.27 4.14
N SER D 101 0.53 2.77 2.96
CA SER D 101 0.71 1.35 2.66
C SER D 101 2.17 0.97 2.83
N LYS D 102 2.41 -0.03 3.68
CA LYS D 102 3.77 -0.51 3.94
C LYS D 102 3.65 -1.99 4.29
N LEU D 103 3.80 -2.84 3.28
CA LEU D 103 3.64 -4.26 3.48
C LEU D 103 4.80 -4.83 4.30
N VAL D 104 4.45 -5.51 5.38
CA VAL D 104 5.41 -6.24 6.20
C VAL D 104 5.24 -7.71 5.89
N PHE D 105 6.25 -8.31 5.27
CA PHE D 105 6.16 -9.68 4.78
C PHE D 105 6.69 -10.67 5.79
N GLY D 106 6.11 -11.87 5.78
CA GLY D 106 6.68 -12.99 6.49
C GLY D 106 7.85 -13.59 5.72
N GLN D 107 8.45 -14.62 6.32
CA GLN D 107 9.63 -15.23 5.73
C GLN D 107 9.34 -15.97 4.43
N GLY D 108 8.07 -16.23 4.13
CA GLY D 108 7.72 -16.96 2.93
C GLY D 108 7.77 -18.46 3.12
N THR D 109 6.87 -19.19 2.47
CA THR D 109 6.79 -20.64 2.60
C THR D 109 6.83 -21.25 1.20
N SER D 110 7.81 -22.12 0.97
CA SER D 110 7.97 -22.79 -0.32
C SER D 110 7.13 -24.06 -0.32
N LEU D 111 6.09 -24.10 -1.13
CA LEU D 111 5.21 -25.25 -1.24
C LEU D 111 5.57 -26.07 -2.46
N SER D 112 5.77 -27.37 -2.25
CA SER D 112 6.05 -28.31 -3.33
C SER D 112 4.98 -29.39 -3.31
N VAL D 113 4.06 -29.33 -4.28
CA VAL D 113 3.01 -30.32 -4.41
C VAL D 113 3.52 -31.47 -5.26
N VAL D 114 3.54 -32.66 -4.68
CA VAL D 114 4.20 -33.82 -5.28
C VAL D 114 3.14 -34.71 -5.93
N PRO D 115 3.29 -35.05 -7.21
CA PRO D 115 2.31 -35.94 -7.85
C PRO D 115 2.57 -37.40 -7.51
N ASN D 116 1.51 -38.20 -7.63
CA ASN D 116 1.58 -39.63 -7.39
C ASN D 116 2.06 -40.34 -8.65
N ILE D 117 3.10 -41.15 -8.51
CA ILE D 117 3.65 -41.93 -9.62
C ILE D 117 2.88 -43.24 -9.71
N GLN D 118 2.17 -43.45 -10.82
CA GLN D 118 1.25 -44.57 -10.92
C GLN D 118 1.99 -45.89 -11.11
N ASN D 119 2.99 -45.93 -11.98
CA ASN D 119 3.75 -47.15 -12.26
C ASN D 119 5.23 -46.86 -12.15
N PRO D 120 5.78 -46.88 -10.93
CA PRO D 120 7.22 -46.61 -10.77
C PRO D 120 8.06 -47.72 -11.37
N ASP D 121 9.21 -47.31 -11.91
CA ASP D 121 10.18 -48.24 -12.51
C ASP D 121 11.58 -47.76 -12.16
N PRO D 122 11.92 -47.73 -10.88
CA PRO D 122 13.15 -47.04 -10.46
C PRO D 122 14.40 -47.68 -11.06
N ALA D 123 15.32 -46.83 -11.50
CA ALA D 123 16.55 -47.32 -12.11
C ALA D 123 17.62 -46.25 -12.02
N VAL D 124 18.88 -46.69 -12.07
CA VAL D 124 20.04 -45.82 -12.12
C VAL D 124 20.79 -46.12 -13.40
N TYR D 125 20.93 -45.11 -14.26
CA TYR D 125 21.61 -45.26 -15.54
C TYR D 125 22.86 -44.39 -15.58
N GLN D 126 23.83 -44.83 -16.38
CA GLN D 126 25.02 -44.03 -16.66
C GLN D 126 24.88 -43.42 -18.05
N LEU D 127 25.10 -42.10 -18.14
CA LEU D 127 24.99 -41.36 -19.39
C LEU D 127 26.36 -40.79 -19.73
N ARG D 128 26.75 -40.92 -21.00
CA ARG D 128 28.07 -40.46 -21.45
C ARG D 128 27.95 -39.17 -22.24
N ASP D 129 28.97 -38.32 -22.10
CA ASP D 129 29.00 -37.05 -22.80
C ASP D 129 29.07 -37.25 -24.30
N SER D 130 28.28 -36.47 -25.03
CA SER D 130 28.31 -36.54 -26.49
C SER D 130 29.64 -36.09 -27.05
N LYS D 131 30.32 -35.17 -26.37
CA LYS D 131 31.59 -34.63 -26.84
C LYS D 131 32.77 -35.49 -26.39
N SER D 132 32.89 -35.74 -25.09
CA SER D 132 34.00 -36.51 -24.53
C SER D 132 33.45 -37.79 -23.92
N SER D 133 33.78 -38.93 -24.52
CA SER D 133 33.28 -40.22 -24.03
C SER D 133 33.79 -40.56 -22.63
N ASP D 134 34.81 -39.86 -22.14
CA ASP D 134 35.36 -40.15 -20.82
C ASP D 134 34.54 -39.54 -19.68
N LYS D 135 33.75 -38.51 -19.95
CA LYS D 135 32.93 -37.87 -18.94
C LYS D 135 31.56 -38.53 -18.89
N SER D 136 31.02 -38.69 -17.68
CA SER D 136 29.74 -39.37 -17.52
C SER D 136 29.03 -38.86 -16.28
N VAL D 137 27.70 -39.03 -16.29
CA VAL D 137 26.84 -38.70 -15.16
C VAL D 137 25.95 -39.91 -14.85
N CYS D 138 25.43 -39.92 -13.64
CA CYS D 138 24.53 -40.99 -13.17
C CYS D 138 23.13 -40.43 -13.02
N LEU D 139 22.15 -41.12 -13.60
CA LEU D 139 20.76 -40.68 -13.59
C LEU D 139 19.90 -41.68 -12.82
N PHE D 140 19.33 -41.23 -11.70
CA PHE D 140 18.35 -41.97 -10.93
C PHE D 140 16.97 -41.47 -11.35
N THR D 141 16.11 -42.36 -11.84
CA THR D 141 14.86 -41.91 -12.44
C THR D 141 13.76 -42.95 -12.23
N ASP D 142 12.52 -42.50 -12.43
CA ASP D 142 11.32 -43.36 -12.45
C ASP D 142 11.03 -43.99 -11.08
N PHE D 143 11.50 -43.37 -10.01
CA PHE D 143 11.23 -43.85 -8.67
C PHE D 143 9.94 -43.23 -8.15
N ASP D 144 9.39 -43.85 -7.09
CA ASP D 144 8.13 -43.40 -6.54
C ASP D 144 8.29 -42.03 -5.88
N SER D 145 7.15 -41.42 -5.55
CA SER D 145 7.15 -40.07 -5.01
C SER D 145 7.62 -39.99 -3.56
N GLN D 146 7.51 -41.07 -2.79
CA GLN D 146 7.93 -41.00 -1.40
C GLN D 146 9.43 -41.12 -1.22
N THR D 147 10.14 -41.62 -2.23
CA THR D 147 11.60 -41.71 -2.14
C THR D 147 12.21 -40.31 -1.98
N ASN D 148 13.13 -40.19 -1.04
CA ASN D 148 13.80 -38.92 -0.76
C ASN D 148 15.24 -39.00 -1.26
N VAL D 149 15.64 -38.02 -2.07
CA VAL D 149 17.00 -37.94 -2.59
C VAL D 149 17.84 -37.12 -1.63
N SER D 150 18.82 -37.75 -1.01
CA SER D 150 19.69 -37.06 -0.07
C SER D 150 20.79 -36.31 -0.81
N GLN D 151 21.03 -35.06 -0.43
CA GLN D 151 22.12 -34.30 -1.00
C GLN D 151 23.45 -34.91 -0.58
N SER D 152 24.49 -34.61 -1.35
CA SER D 152 25.80 -35.18 -1.08
C SER D 152 26.43 -34.54 0.15
N LYS D 153 27.10 -35.36 0.94
CA LYS D 153 27.94 -34.88 2.04
C LYS D 153 29.42 -35.00 1.70
N ASP D 154 29.74 -35.30 0.45
CA ASP D 154 31.10 -35.25 -0.07
C ASP D 154 31.21 -34.05 -1.00
N SER D 155 32.21 -33.20 -0.77
CA SER D 155 32.36 -31.99 -1.57
C SER D 155 32.76 -32.28 -3.01
N ASP D 156 33.28 -33.48 -3.29
CA ASP D 156 33.69 -33.87 -4.64
C ASP D 156 32.67 -34.76 -5.32
N VAL D 157 31.47 -34.92 -4.74
CA VAL D 157 30.36 -35.61 -5.36
C VAL D 157 29.17 -34.67 -5.40
N TYR D 158 28.54 -34.56 -6.55
CA TYR D 158 27.45 -33.61 -6.75
C TYR D 158 26.17 -34.36 -7.06
N ILE D 159 25.14 -34.11 -6.27
CA ILE D 159 23.83 -34.75 -6.41
C ILE D 159 22.77 -33.66 -6.38
N THR D 160 21.94 -33.63 -7.41
CA THR D 160 20.89 -32.63 -7.47
C THR D 160 19.68 -33.08 -6.66
N ASP D 161 18.75 -32.15 -6.46
CA ASP D 161 17.50 -32.49 -5.81
C ASP D 161 16.60 -33.25 -6.79
N LYS D 162 15.49 -33.77 -6.27
CA LYS D 162 14.52 -34.47 -7.08
C LYS D 162 13.82 -33.50 -8.03
N CYS D 163 13.67 -33.90 -9.29
CA CYS D 163 13.04 -33.10 -10.33
C CYS D 163 11.90 -33.88 -10.95
N VAL D 164 10.79 -33.21 -11.21
CA VAL D 164 9.60 -33.81 -11.80
C VAL D 164 9.42 -33.25 -13.21
N LEU D 165 9.53 -34.11 -14.21
CA LEU D 165 9.31 -33.70 -15.60
C LEU D 165 8.01 -34.32 -16.11
N ASP D 166 7.36 -33.60 -17.02
CA ASP D 166 6.08 -34.02 -17.57
C ASP D 166 6.17 -34.07 -19.09
N MET D 167 6.12 -35.27 -19.65
CA MET D 167 6.02 -35.46 -21.10
C MET D 167 4.55 -35.36 -21.47
N ARG D 168 4.13 -34.18 -21.92
CA ARG D 168 2.71 -33.88 -22.01
C ARG D 168 2.02 -34.67 -23.12
N SER D 169 2.69 -34.87 -24.26
CA SER D 169 2.09 -35.65 -25.33
C SER D 169 1.88 -37.11 -24.95
N MET D 170 2.67 -37.62 -24.01
CA MET D 170 2.50 -38.97 -23.50
C MET D 170 1.67 -39.03 -22.21
N ASP D 171 1.38 -37.88 -21.60
CA ASP D 171 0.72 -37.83 -20.30
C ASP D 171 1.47 -38.68 -19.27
N PHE D 172 2.76 -38.42 -19.16
CA PHE D 172 3.67 -39.25 -18.36
C PHE D 172 4.54 -38.33 -17.51
N LYS D 173 4.52 -38.55 -16.21
CA LYS D 173 5.37 -37.82 -15.27
C LYS D 173 6.40 -38.76 -14.66
N SER D 174 7.60 -38.24 -14.41
CA SER D 174 8.66 -39.05 -13.83
C SER D 174 9.57 -38.19 -12.97
N ASN D 175 10.04 -38.76 -11.87
CA ASN D 175 11.03 -38.11 -11.02
C ASN D 175 12.43 -38.49 -11.49
N SER D 176 13.39 -37.61 -11.23
CA SER D 176 14.77 -37.91 -11.56
C SER D 176 15.70 -37.07 -10.71
N ALA D 177 16.91 -37.58 -10.52
CA ALA D 177 18.00 -36.85 -9.89
C ALA D 177 19.29 -37.24 -10.59
N VAL D 178 20.24 -36.32 -10.61
CA VAL D 178 21.50 -36.51 -11.34
C VAL D 178 22.65 -36.47 -10.33
N ALA D 179 23.60 -37.39 -10.50
CA ALA D 179 24.81 -37.43 -9.71
C ALA D 179 26.01 -37.54 -10.63
N TRP D 180 27.08 -36.82 -10.29
CA TRP D 180 28.30 -36.87 -11.07
C TRP D 180 29.47 -36.48 -10.18
N SER D 181 30.68 -36.88 -10.60
CA SER D 181 31.88 -36.63 -9.82
C SER D 181 33.09 -36.85 -10.71
N ASN D 182 34.23 -36.30 -10.25
CA ASN D 182 35.52 -36.53 -10.88
C ASN D 182 36.38 -37.54 -10.14
N LYS D 183 35.92 -38.03 -8.99
CA LYS D 183 36.67 -39.02 -8.24
C LYS D 183 36.79 -40.32 -9.04
N SER D 184 37.94 -40.96 -8.94
CA SER D 184 38.19 -42.16 -9.74
C SER D 184 37.35 -43.35 -9.28
N ASP D 185 37.06 -43.43 -7.98
CA ASP D 185 36.27 -44.52 -7.44
C ASP D 185 34.77 -44.24 -7.45
N PHE D 186 34.34 -43.17 -8.12
CA PHE D 186 32.92 -42.84 -8.21
C PHE D 186 32.25 -43.70 -9.27
N ALA D 187 31.15 -44.36 -8.89
CA ALA D 187 30.40 -45.20 -9.80
C ALA D 187 28.91 -45.00 -9.53
N CYS D 188 28.11 -45.26 -10.57
CA CYS D 188 26.66 -45.13 -10.41
C CYS D 188 26.08 -46.15 -9.44
N ALA D 189 26.78 -47.28 -9.24
CA ALA D 189 26.30 -48.29 -8.31
C ALA D 189 26.29 -47.79 -6.87
N ASN D 190 27.18 -46.85 -6.53
CA ASN D 190 27.25 -46.32 -5.17
C ASN D 190 26.98 -44.82 -5.11
N ALA D 191 26.52 -44.20 -6.21
CA ALA D 191 26.35 -42.76 -6.25
C ALA D 191 25.25 -42.28 -5.30
N PHE D 192 24.20 -43.07 -5.12
CA PHE D 192 23.06 -42.69 -4.28
C PHE D 192 22.99 -43.51 -3.00
N ASN D 193 24.14 -44.05 -2.55
CA ASN D 193 24.16 -44.90 -1.37
C ASN D 193 23.75 -44.16 -0.10
N ASN D 194 23.88 -42.83 -0.08
CA ASN D 194 23.44 -42.06 1.07
C ASN D 194 21.94 -41.77 1.03
N SER D 195 21.22 -42.31 0.06
CA SER D 195 19.77 -42.23 0.00
C SER D 195 19.16 -43.60 0.24
N ILE D 196 17.93 -43.62 0.72
CA ILE D 196 17.16 -44.84 0.86
C ILE D 196 16.25 -44.92 -0.36
N ILE D 197 16.63 -45.75 -1.32
CA ILE D 197 15.91 -45.85 -2.60
C ILE D 197 15.19 -47.19 -2.63
N PRO D 198 14.22 -47.38 -3.53
CA PRO D 198 13.48 -48.66 -3.55
C PRO D 198 14.42 -49.85 -3.73
N GLU D 199 14.05 -50.95 -3.08
CA GLU D 199 14.87 -52.16 -3.13
C GLU D 199 14.89 -52.77 -4.52
N ASP D 200 13.84 -52.56 -5.31
CA ASP D 200 13.75 -53.07 -6.67
C ASP D 200 14.34 -52.12 -7.71
N THR D 201 15.23 -51.22 -7.29
CA THR D 201 15.84 -50.29 -8.23
C THR D 201 16.71 -51.06 -9.24
N PHE D 202 16.53 -50.74 -10.51
CA PHE D 202 17.24 -51.42 -11.60
C PHE D 202 18.65 -50.83 -11.72
N PHE D 203 19.66 -51.67 -11.56
CA PHE D 203 21.06 -51.31 -11.77
C PHE D 203 21.59 -52.09 -12.97
N PRO D 204 21.43 -51.60 -14.19
CA PRO D 204 21.89 -52.36 -15.35
C PRO D 204 23.42 -52.51 -15.35
N SER D 205 23.87 -53.70 -15.71
CA SER D 205 25.30 -54.00 -15.72
C SER D 205 25.87 -53.65 -17.09
N PRO D 206 26.70 -52.60 -17.20
CA PRO D 206 27.28 -52.19 -18.48
C PRO D 206 28.63 -52.85 -18.77
N ALA E 1 0.61 -3.37 -16.14
CA ALA E 1 1.86 -4.09 -16.02
C ALA E 1 2.93 -3.24 -15.33
N VAL E 2 3.92 -3.91 -14.75
CA VAL E 2 5.05 -3.26 -14.08
C VAL E 2 6.32 -3.77 -14.73
N PHE E 3 7.05 -2.89 -15.41
CA PHE E 3 8.29 -3.24 -16.09
C PHE E 3 9.47 -2.62 -15.35
N GLN E 4 10.54 -3.40 -15.18
CA GLN E 4 11.76 -2.88 -14.58
C GLN E 4 12.97 -3.46 -15.30
N THR E 5 14.06 -2.69 -15.28
CA THR E 5 15.33 -3.08 -15.89
C THR E 5 16.45 -2.64 -14.96
N PRO E 6 17.61 -3.33 -15.01
CA PRO E 6 17.88 -4.54 -15.80
C PRO E 6 17.36 -5.81 -15.12
N ASN E 7 17.41 -6.93 -15.83
CA ASN E 7 17.03 -8.19 -15.20
C ASN E 7 18.15 -8.73 -14.31
N TYR E 8 19.39 -8.63 -14.77
CA TYR E 8 20.55 -9.06 -14.00
C TYR E 8 21.64 -8.02 -14.15
N HIS E 9 22.51 -7.93 -13.14
CA HIS E 9 23.63 -7.00 -13.19
C HIS E 9 24.71 -7.44 -12.21
N VAL E 10 25.96 -7.52 -12.69
CA VAL E 10 27.12 -7.78 -11.86
C VAL E 10 27.99 -6.54 -11.88
N THR E 11 28.49 -6.16 -10.70
CA THR E 11 29.37 -5.00 -10.60
C THR E 11 30.27 -5.17 -9.38
N GLN E 12 31.32 -4.35 -9.35
CA GLN E 12 32.31 -4.41 -8.28
C GLN E 12 31.95 -3.41 -7.19
N VAL E 13 32.38 -3.71 -5.96
CA VAL E 13 32.15 -2.83 -4.82
C VAL E 13 32.66 -1.43 -5.13
N GLY E 14 31.85 -0.44 -4.79
CA GLY E 14 32.20 0.95 -5.01
C GLY E 14 31.70 1.55 -6.31
N ASN E 15 31.14 0.74 -7.21
CA ASN E 15 30.61 1.24 -8.46
C ASN E 15 29.18 1.76 -8.28
N GLU E 16 28.66 2.32 -9.37
CA GLU E 16 27.33 2.92 -9.40
C GLU E 16 26.43 2.10 -10.30
N VAL E 17 25.20 1.88 -9.86
CA VAL E 17 24.20 1.15 -10.64
C VAL E 17 22.91 1.96 -10.67
N SER E 18 22.12 1.75 -11.72
CA SER E 18 20.87 2.46 -11.91
C SER E 18 19.79 1.48 -12.33
N PHE E 19 18.69 1.44 -11.59
CA PHE E 19 17.54 0.63 -11.92
C PHE E 19 16.39 1.54 -12.37
N ASN E 20 15.59 1.05 -13.30
CA ASN E 20 14.49 1.82 -13.85
C ASN E 20 13.23 0.96 -13.85
N CYS E 21 12.09 1.62 -13.61
CA CYS E 21 10.83 0.91 -13.51
C CYS E 21 9.71 1.77 -14.07
N LYS E 22 8.69 1.10 -14.61
CA LYS E 22 7.53 1.76 -15.18
C LYS E 22 6.31 0.89 -14.93
N GLN E 23 5.18 1.53 -14.62
CA GLN E 23 3.91 0.83 -14.47
C GLN E 23 2.88 1.51 -15.35
N THR E 24 2.01 0.71 -15.97
CA THR E 24 1.00 1.20 -16.90
C THR E 24 -0.41 1.07 -16.33
N LEU E 25 -0.54 0.90 -15.03
CA LEU E 25 -1.83 0.74 -14.40
C LEU E 25 -2.53 2.07 -14.11
N GLY E 26 -1.88 3.19 -14.38
CA GLY E 26 -2.43 4.48 -14.02
C GLY E 26 -2.33 4.81 -12.56
N HIS E 27 -1.47 4.12 -11.82
CA HIS E 27 -1.40 4.26 -10.37
C HIS E 27 -0.60 5.50 -9.98
N ASP E 28 -0.86 5.97 -8.75
CA ASP E 28 -0.17 7.14 -8.21
C ASP E 28 1.05 6.78 -7.38
N THR E 29 1.09 5.58 -6.81
CA THR E 29 2.10 5.20 -5.83
C THR E 29 2.95 4.06 -6.38
N MET E 30 4.27 4.18 -6.19
CA MET E 30 5.21 3.15 -6.61
C MET E 30 6.22 2.89 -5.49
N TYR E 31 6.77 1.68 -5.47
CA TYR E 31 7.58 1.21 -4.36
C TYR E 31 8.85 0.55 -4.87
N TRP E 32 9.87 0.54 -4.01
CA TRP E 32 11.05 -0.29 -4.17
C TRP E 32 11.16 -1.21 -2.96
N TYR E 33 11.24 -2.51 -3.21
CA TYR E 33 11.41 -3.53 -2.17
C TYR E 33 12.72 -4.26 -2.39
N LYS E 34 13.33 -4.68 -1.28
CA LYS E 34 14.58 -5.44 -1.32
C LYS E 34 14.34 -6.87 -0.85
N GLN E 35 14.80 -7.83 -1.64
CA GLN E 35 14.69 -9.26 -1.33
C GLN E 35 16.11 -9.80 -1.16
N ASP E 36 16.55 -9.96 0.08
CA ASP E 36 17.94 -10.31 0.37
C ASP E 36 18.18 -11.79 0.06
N SER E 37 19.38 -12.27 0.41
CA SER E 37 19.76 -13.65 0.12
C SER E 37 18.89 -14.65 0.87
N LYS E 38 18.47 -14.31 2.10
CA LYS E 38 17.55 -15.17 2.85
C LYS E 38 16.13 -15.10 2.31
N LYS E 39 15.88 -14.32 1.26
CA LYS E 39 14.57 -14.16 0.65
C LYS E 39 13.56 -13.49 1.58
N LEU E 40 14.03 -12.64 2.49
CA LEU E 40 13.15 -11.81 3.29
C LEU E 40 12.82 -10.53 2.51
N LEU E 41 11.55 -10.18 2.47
CA LEU E 41 11.05 -9.06 1.68
C LEU E 41 10.85 -7.86 2.59
N LYS E 42 11.52 -6.74 2.28
CA LYS E 42 11.47 -5.55 3.11
C LYS E 42 11.36 -4.33 2.22
N ILE E 43 10.46 -3.41 2.60
CA ILE E 43 10.26 -2.19 1.82
C ILE E 43 11.44 -1.26 2.00
N MET E 44 11.77 -0.53 0.94
CA MET E 44 12.79 0.51 0.97
C MET E 44 12.19 1.90 0.83
N PHE E 45 11.48 2.16 -0.27
CA PHE E 45 10.93 3.48 -0.54
C PHE E 45 9.49 3.35 -1.01
N SER E 46 8.72 4.41 -0.77
CA SER E 46 7.41 4.59 -1.38
C SER E 46 7.33 6.01 -1.91
N TYR E 47 6.92 6.14 -3.17
CA TYR E 47 6.72 7.43 -3.81
C TYR E 47 5.25 7.57 -4.19
N ASN E 48 4.69 8.75 -3.92
CA ASN E 48 3.33 9.07 -4.34
C ASN E 48 3.37 10.36 -5.16
N ASN E 49 3.05 10.24 -6.44
CA ASN E 49 2.98 11.37 -7.36
C ASN E 49 4.27 12.18 -7.33
N LYS E 50 5.38 11.48 -7.58
CA LYS E 50 6.73 12.04 -7.74
C LYS E 50 7.33 12.56 -6.44
N GLN E 51 6.65 12.28 -5.33
CA GLN E 51 7.14 12.65 -3.96
CA GLN E 51 7.14 12.65 -3.96
C GLN E 51 7.36 11.49 -2.93
N LEU E 52 8.59 11.48 -2.38
CA LEU E 52 8.88 10.40 -1.45
C LEU E 52 8.00 10.53 -0.22
N ILE E 53 7.34 9.43 0.15
CA ILE E 53 6.50 9.41 1.35
C ILE E 53 6.97 8.41 2.39
N VAL E 54 7.69 7.35 2.01
CA VAL E 54 8.17 6.35 2.95
C VAL E 54 9.64 6.09 2.67
N ASN E 55 10.47 6.18 3.71
CA ASN E 55 11.89 5.87 3.65
C ASN E 55 12.23 5.03 4.87
N GLU E 56 12.41 3.73 4.67
CA GLU E 56 12.61 2.80 5.79
C GLU E 56 14.10 2.71 6.14
N THR E 57 14.60 3.83 6.66
CA THR E 57 15.98 3.94 7.15
C THR E 57 16.97 3.37 6.13
N VAL E 58 16.79 3.79 4.89
CA VAL E 58 17.64 3.31 3.79
C VAL E 58 18.92 4.12 3.80
N PRO E 59 20.09 3.48 3.66
CA PRO E 59 21.34 4.25 3.60
C PRO E 59 21.30 5.30 2.50
N ARG E 60 21.93 6.45 2.77
CA ARG E 60 21.99 7.52 1.78
C ARG E 60 22.70 7.12 0.50
N ARG E 61 23.23 5.89 0.45
CA ARG E 61 23.77 5.33 -0.78
C ARG E 61 22.71 5.25 -1.87
N PHE E 62 21.44 5.14 -1.49
CA PHE E 62 20.35 4.91 -2.42
C PHE E 62 19.67 6.23 -2.73
N SER E 63 19.49 6.51 -4.02
CA SER E 63 18.86 7.75 -4.48
C SER E 63 17.73 7.41 -5.44
N PRO E 64 16.51 7.27 -4.93
CA PRO E 64 15.36 7.08 -5.82
C PRO E 64 15.03 8.37 -6.57
N GLN E 65 14.34 8.22 -7.70
CA GLN E 65 14.05 9.36 -8.55
C GLN E 65 12.75 9.09 -9.32
N SER E 66 11.91 10.11 -9.40
CA SER E 66 10.64 10.02 -10.12
C SER E 66 10.27 11.40 -10.62
N SER E 67 10.40 11.61 -11.93
CA SER E 67 9.91 12.82 -12.58
C SER E 67 8.55 12.62 -13.22
N ASP E 68 7.95 11.44 -13.05
CA ASP E 68 6.64 11.16 -13.60
C ASP E 68 5.95 10.13 -12.72
N LYS E 69 4.61 10.19 -12.69
CA LYS E 69 3.82 9.35 -11.80
C LYS E 69 4.01 7.86 -12.08
N ALA E 70 4.22 7.49 -13.33
CA ALA E 70 4.33 6.09 -13.73
C ALA E 70 5.75 5.57 -13.69
N HIS E 71 6.73 6.41 -13.34
CA HIS E 71 8.13 6.03 -13.38
C HIS E 71 8.73 6.15 -11.98
N LEU E 72 9.54 5.16 -11.61
CA LEU E 72 10.29 5.19 -10.36
C LEU E 72 11.64 4.53 -10.60
N ASN E 73 12.71 5.30 -10.52
CA ASN E 73 14.05 4.81 -10.76
C ASN E 73 14.85 4.79 -9.46
N LEU E 74 15.87 3.94 -9.42
CA LEU E 74 16.70 3.78 -8.23
C LEU E 74 18.16 3.78 -8.63
N ARG E 75 18.95 4.63 -7.96
CA ARG E 75 20.39 4.70 -8.19
C ARG E 75 21.11 4.43 -6.86
N ILE E 76 22.02 3.46 -6.88
CA ILE E 76 22.89 3.18 -5.75
C ILE E 76 24.25 3.79 -6.07
N LYS E 77 24.69 4.73 -5.25
CA LYS E 77 25.83 5.58 -5.62
C LYS E 77 27.16 4.82 -5.54
N SER E 78 27.32 3.95 -4.54
CA SER E 78 28.59 3.26 -4.35
C SER E 78 28.30 1.92 -3.68
N VAL E 79 28.04 0.90 -4.49
CA VAL E 79 27.49 -0.35 -4.00
C VAL E 79 28.44 -1.01 -3.00
N GLU E 80 27.86 -1.64 -1.99
CA GLU E 80 28.53 -2.46 -0.99
C GLU E 80 28.09 -3.91 -1.13
N PRO E 81 28.89 -4.86 -0.64
CA PRO E 81 28.53 -6.29 -0.81
C PRO E 81 27.13 -6.64 -0.31
N GLU E 82 26.66 -6.00 0.76
CA GLU E 82 25.32 -6.28 1.28
C GLU E 82 24.22 -5.83 0.33
N ASP E 83 24.54 -5.04 -0.69
CA ASP E 83 23.54 -4.63 -1.67
C ASP E 83 23.17 -5.74 -2.65
N SER E 84 23.92 -6.84 -2.68
CA SER E 84 23.58 -7.98 -3.51
C SER E 84 22.22 -8.53 -3.10
N ALA E 85 21.23 -8.39 -3.96
CA ALA E 85 19.86 -8.81 -3.65
C ALA E 85 19.03 -8.72 -4.93
N VAL E 86 17.75 -9.07 -4.80
CA VAL E 86 16.76 -8.84 -5.83
C VAL E 86 15.93 -7.64 -5.41
N TYR E 87 15.87 -6.63 -6.27
CA TYR E 87 15.13 -5.40 -5.98
C TYR E 87 13.83 -5.42 -6.76
N LEU E 88 12.71 -5.32 -6.06
CA LEU E 88 11.40 -5.44 -6.65
C LEU E 88 10.76 -4.06 -6.75
N CYS E 89 10.27 -3.73 -7.94
CA CYS E 89 9.46 -2.55 -8.14
C CYS E 89 7.99 -2.93 -7.98
N ALA E 90 7.22 -2.02 -7.39
CA ALA E 90 5.80 -2.29 -7.16
C ALA E 90 5.03 -0.98 -7.31
N SER E 91 3.73 -1.11 -7.53
CA SER E 91 2.85 0.04 -7.64
C SER E 91 1.52 -0.28 -6.97
N SER E 92 0.84 0.77 -6.52
CA SER E 92 -0.50 0.65 -5.96
C SER E 92 -1.30 1.88 -6.37
N LEU E 93 -2.62 1.71 -6.38
CA LEU E 93 -3.53 2.77 -6.81
C LEU E 93 -3.21 4.10 -6.13
N ASP E 94 -3.17 4.08 -4.79
CA ASP E 94 -2.67 5.20 -4.01
C ASP E 94 -2.02 4.63 -2.76
N TRP E 95 -1.69 5.50 -1.81
CA TRP E 95 -0.99 5.05 -0.61
C TRP E 95 -1.91 4.46 0.45
N ALA E 96 -3.19 4.25 0.13
CA ALA E 96 -4.09 3.60 1.08
C ALA E 96 -3.64 2.17 1.34
N SER E 97 -3.67 1.78 2.62
CA SER E 97 -3.15 0.47 3.02
C SER E 97 -3.98 -0.69 2.49
N GLN E 98 -5.25 -0.44 2.12
CA GLN E 98 -6.08 -1.52 1.61
C GLN E 98 -5.69 -1.94 0.20
N ASN E 99 -4.94 -1.11 -0.52
CA ASN E 99 -4.69 -1.34 -1.93
C ASN E 99 -3.79 -2.55 -2.16
N THR E 100 -4.05 -3.26 -3.25
CA THR E 100 -3.18 -4.33 -3.69
C THR E 100 -1.92 -3.76 -4.33
N LEU E 101 -0.78 -4.37 -4.02
CA LEU E 101 0.47 -4.02 -4.69
C LEU E 101 0.71 -4.93 -5.88
N TYR E 102 1.14 -4.33 -6.99
CA TYR E 102 1.45 -5.06 -8.21
C TYR E 102 2.96 -4.97 -8.46
N PHE E 103 3.63 -6.11 -8.46
CA PHE E 103 5.09 -6.17 -8.47
C PHE E 103 5.62 -6.41 -9.88
N GLY E 104 6.87 -5.98 -10.09
CA GLY E 104 7.61 -6.31 -11.28
C GLY E 104 8.35 -7.63 -11.14
N ALA E 105 9.07 -7.98 -12.21
CA ALA E 105 9.82 -9.23 -12.23
C ALA E 105 11.08 -9.18 -11.38
N GLY E 106 11.59 -8.00 -11.08
CA GLY E 106 12.73 -7.88 -10.19
C GLY E 106 14.03 -7.62 -10.93
N THR E 107 14.96 -6.97 -10.25
CA THR E 107 16.31 -6.74 -10.74
C THR E 107 17.27 -7.48 -9.83
N ARG E 108 18.00 -8.44 -10.39
CA ARG E 108 18.92 -9.28 -9.62
C ARG E 108 20.30 -8.65 -9.66
N LEU E 109 20.75 -8.12 -8.53
CA LEU E 109 22.02 -7.43 -8.42
C LEU E 109 23.03 -8.30 -7.67
N SER E 110 24.24 -8.39 -8.21
CA SER E 110 25.34 -9.11 -7.57
C SER E 110 26.52 -8.15 -7.44
N VAL E 111 26.86 -7.79 -6.20
CA VAL E 111 27.98 -6.90 -5.92
C VAL E 111 29.14 -7.76 -5.43
N LEU E 112 30.27 -7.69 -6.13
CA LEU E 112 31.41 -8.54 -5.84
C LEU E 112 32.61 -7.69 -5.43
N GLU E 113 33.46 -8.27 -4.59
CA GLU E 113 34.69 -7.61 -4.18
C GLU E 113 35.76 -7.66 -5.26
N ASP E 114 35.71 -8.67 -6.13
CA ASP E 114 36.70 -8.82 -7.19
C ASP E 114 36.02 -9.45 -8.40
N LEU E 115 36.01 -8.74 -9.52
CA LEU E 115 35.37 -9.23 -10.74
C LEU E 115 36.13 -10.39 -11.37
N ASN E 116 37.33 -10.72 -10.88
CA ASN E 116 38.02 -11.91 -11.35
C ASN E 116 37.33 -13.18 -10.91
N LYS E 117 36.36 -13.10 -10.00
CA LYS E 117 35.57 -14.26 -9.60
C LYS E 117 34.44 -14.58 -10.58
N VAL E 118 34.26 -13.76 -11.61
CA VAL E 118 33.18 -13.96 -12.56
C VAL E 118 33.61 -14.98 -13.61
N PHE E 119 32.80 -16.02 -13.80
CA PHE E 119 33.08 -17.07 -14.77
C PHE E 119 31.82 -17.42 -15.53
N PRO E 120 31.92 -17.61 -16.85
CA PRO E 120 30.79 -18.15 -17.61
C PRO E 120 30.70 -19.65 -17.42
N PRO E 121 29.55 -20.25 -17.70
CA PRO E 121 29.42 -21.70 -17.54
C PRO E 121 30.08 -22.47 -18.69
N GLU E 122 30.55 -23.66 -18.35
CA GLU E 122 30.83 -24.69 -19.35
C GLU E 122 29.63 -25.61 -19.42
N VAL E 123 29.22 -25.95 -20.64
CA VAL E 123 27.98 -26.69 -20.86
C VAL E 123 28.31 -27.99 -21.58
N ALA E 124 27.71 -29.08 -21.12
CA ALA E 124 27.89 -30.39 -21.74
C ALA E 124 26.56 -31.14 -21.72
N VAL E 125 26.31 -31.90 -22.78
CA VAL E 125 25.11 -32.71 -22.90
C VAL E 125 25.53 -34.18 -22.87
N PHE E 126 24.79 -34.97 -22.08
CA PHE E 126 25.06 -36.39 -21.93
C PHE E 126 23.94 -37.18 -22.58
N GLU E 127 24.30 -38.08 -23.49
CA GLU E 127 23.34 -38.79 -24.32
C GLU E 127 22.63 -39.88 -23.51
N PRO E 128 21.40 -40.22 -23.90
CA PRO E 128 20.67 -41.26 -23.17
C PRO E 128 21.41 -42.59 -23.16
N SER E 129 21.17 -43.37 -22.11
CA SER E 129 21.80 -44.67 -21.99
C SER E 129 21.04 -45.70 -22.81
N GLU E 130 21.79 -46.65 -23.37
CA GLU E 130 21.16 -47.77 -24.08
C GLU E 130 20.29 -48.59 -23.14
N ALA E 131 20.63 -48.64 -21.86
CA ALA E 131 19.84 -49.42 -20.90
C ALA E 131 18.47 -48.80 -20.69
N GLU E 132 18.40 -47.47 -20.53
CA GLU E 132 17.10 -46.82 -20.35
C GLU E 132 16.22 -47.04 -21.57
N ILE E 133 16.79 -46.93 -22.77
CA ILE E 133 16.02 -47.10 -23.99
C ILE E 133 15.41 -48.49 -24.05
N SER E 134 16.21 -49.51 -23.74
CA SER E 134 15.72 -50.88 -23.80
C SER E 134 14.69 -51.16 -22.71
N HIS E 135 14.83 -50.52 -21.54
CA HIS E 135 13.99 -50.80 -20.39
C HIS E 135 12.66 -50.05 -20.41
N THR E 136 12.66 -48.80 -20.87
CA THR E 136 11.47 -47.95 -20.79
C THR E 136 10.97 -47.44 -22.13
N GLN E 137 11.71 -47.64 -23.22
CA GLN E 137 11.41 -47.06 -24.52
C GLN E 137 11.36 -45.54 -24.48
N LYS E 138 12.07 -44.95 -23.51
CA LYS E 138 12.23 -43.51 -23.40
C LYS E 138 13.72 -43.20 -23.34
N ALA E 139 14.05 -41.91 -23.54
CA ALA E 139 15.43 -41.49 -23.66
C ALA E 139 15.59 -40.13 -22.99
N THR E 140 16.40 -40.07 -21.95
CA THR E 140 16.63 -38.86 -21.17
C THR E 140 18.00 -38.30 -21.51
N LEU E 141 18.03 -37.04 -21.94
CA LEU E 141 19.27 -36.30 -22.10
C LEU E 141 19.50 -35.43 -20.88
N VAL E 142 20.76 -35.30 -20.47
CA VAL E 142 21.14 -34.52 -19.30
C VAL E 142 22.12 -33.42 -19.73
N CYS E 143 21.85 -32.20 -19.28
CA CYS E 143 22.71 -31.06 -19.54
C CYS E 143 23.34 -30.59 -18.24
N LEU E 144 24.65 -30.41 -18.25
CA LEU E 144 25.38 -29.89 -17.09
C LEU E 144 25.97 -28.53 -17.44
N ALA E 145 25.57 -27.51 -16.70
CA ALA E 145 26.21 -26.20 -16.73
C ALA E 145 27.01 -26.05 -15.45
N THR E 146 28.34 -25.94 -15.59
CA THR E 146 29.23 -25.99 -14.44
C THR E 146 30.20 -24.81 -14.45
N GLY E 147 30.64 -24.45 -13.25
CA GLY E 147 31.71 -23.48 -13.10
C GLY E 147 31.36 -22.03 -13.37
N PHE E 148 30.10 -21.64 -13.18
CA PHE E 148 29.70 -20.27 -13.45
C PHE E 148 29.51 -19.49 -12.14
N PHE E 149 29.77 -18.19 -12.24
CA PHE E 149 29.60 -17.27 -11.12
C PHE E 149 29.48 -15.84 -11.65
N PRO E 150 28.46 -15.10 -11.20
CA PRO E 150 27.44 -15.52 -10.22
C PRO E 150 26.37 -16.41 -10.84
N ASP E 151 25.36 -16.78 -10.05
CA ASP E 151 24.30 -17.67 -10.53
C ASP E 151 23.20 -16.86 -11.24
N HIS E 152 23.59 -16.22 -12.33
CA HIS E 152 22.70 -15.45 -13.18
C HIS E 152 22.63 -16.16 -14.53
N VAL E 153 21.90 -17.28 -14.56
CA VAL E 153 21.82 -18.11 -15.76
C VAL E 153 20.36 -18.42 -16.05
N GLU E 154 20.08 -18.70 -17.32
CA GLU E 154 18.77 -19.16 -17.78
C GLU E 154 19.00 -20.30 -18.77
N LEU E 155 18.50 -21.48 -18.43
CA LEU E 155 18.72 -22.67 -19.25
C LEU E 155 17.46 -23.00 -20.05
N SER E 156 17.67 -23.36 -21.31
CA SER E 156 16.58 -23.74 -22.20
C SER E 156 17.03 -24.90 -23.08
N TRP E 157 16.07 -25.70 -23.51
CA TRP E 157 16.31 -26.80 -24.44
C TRP E 157 15.73 -26.45 -25.81
N TRP E 158 16.43 -26.90 -26.85
CA TRP E 158 16.05 -26.62 -28.23
C TRP E 158 16.12 -27.91 -29.03
N VAL E 159 15.00 -28.29 -29.64
CA VAL E 159 14.89 -29.49 -30.45
C VAL E 159 14.58 -29.07 -31.88
N ASN E 160 15.45 -29.46 -32.80
CA ASN E 160 15.31 -29.13 -34.23
C ASN E 160 15.13 -27.63 -34.43
N GLY E 161 15.86 -26.84 -33.62
CA GLY E 161 15.84 -25.40 -33.75
C GLY E 161 14.68 -24.69 -33.08
N LYS E 162 13.86 -25.40 -32.32
CA LYS E 162 12.71 -24.81 -31.63
C LYS E 162 12.83 -25.09 -30.14
N GLU E 163 12.59 -24.07 -29.32
CA GLU E 163 12.60 -24.27 -27.88
C GLU E 163 11.43 -25.14 -27.46
N VAL E 164 11.69 -26.13 -26.61
CA VAL E 164 10.66 -27.01 -26.10
C VAL E 164 10.53 -26.80 -24.60
N HIS E 165 9.36 -27.14 -24.07
CA HIS E 165 9.11 -27.05 -22.63
C HIS E 165 8.59 -28.37 -22.08
N SER E 166 7.92 -29.15 -22.94
CA SER E 166 7.45 -30.46 -22.53
C SER E 166 8.62 -31.42 -22.33
N GLY E 167 8.50 -32.28 -21.32
CA GLY E 167 9.55 -33.25 -21.06
C GLY E 167 10.82 -32.65 -20.50
N VAL E 168 10.77 -31.44 -19.97
CA VAL E 168 11.95 -30.74 -19.47
C VAL E 168 11.81 -30.53 -17.97
N CYS E 169 12.90 -30.77 -17.24
CA CYS E 169 12.98 -30.43 -15.82
C CYS E 169 14.36 -29.88 -15.53
N THR E 170 14.40 -28.66 -15.01
CA THR E 170 15.64 -28.00 -14.64
C THR E 170 15.67 -27.79 -13.13
N ASP E 171 16.84 -27.99 -12.52
CA ASP E 171 16.99 -27.78 -11.09
C ASP E 171 16.53 -26.37 -10.72
N PRO E 172 15.73 -26.21 -9.67
CA PRO E 172 15.30 -24.86 -9.27
C PRO E 172 16.44 -24.03 -8.70
N GLN E 173 17.46 -24.64 -8.13
CA GLN E 173 18.60 -23.94 -7.58
C GLN E 173 19.88 -24.63 -7.99
N PRO E 174 20.98 -23.88 -8.13
CA PRO E 174 22.25 -24.50 -8.48
C PRO E 174 22.96 -25.06 -7.25
N LEU E 175 23.88 -25.98 -7.50
CA LEU E 175 24.76 -26.50 -6.47
C LEU E 175 26.02 -25.67 -6.40
N LYS E 176 26.55 -25.50 -5.19
CA LYS E 176 27.86 -24.87 -5.03
C LYS E 176 28.92 -25.94 -5.19
N GLU E 177 29.86 -25.70 -6.12
CA GLU E 177 30.91 -26.69 -6.35
C GLU E 177 31.89 -26.78 -5.20
N GLN E 178 31.97 -25.74 -4.37
CA GLN E 178 32.79 -25.74 -3.16
C GLN E 178 31.99 -25.05 -2.07
N PRO E 179 31.14 -25.78 -1.36
CA PRO E 179 30.20 -25.14 -0.42
C PRO E 179 30.88 -24.38 0.71
N ALA E 180 32.19 -24.58 0.93
CA ALA E 180 32.87 -23.88 2.02
C ALA E 180 33.09 -22.40 1.67
N LEU E 181 33.39 -22.12 0.41
CA LEU E 181 33.74 -20.76 -0.01
C LEU E 181 32.48 -19.97 -0.34
N ASN E 182 32.44 -18.72 0.13
CA ASN E 182 31.30 -17.85 -0.15
C ASN E 182 31.28 -17.39 -1.61
N ASP E 183 32.43 -17.38 -2.29
CA ASP E 183 32.52 -17.02 -3.69
C ASP E 183 32.53 -18.25 -4.59
N SER E 184 31.90 -19.34 -4.16
CA SER E 184 31.96 -20.60 -4.88
C SER E 184 31.25 -20.50 -6.22
N ARG E 185 31.86 -21.10 -7.24
CA ARG E 185 31.19 -21.24 -8.53
C ARG E 185 30.09 -22.29 -8.43
N TYR E 186 29.15 -22.24 -9.36
CA TYR E 186 27.94 -23.03 -9.28
C TYR E 186 27.88 -24.08 -10.39
N ALA E 187 26.96 -25.02 -10.21
CA ALA E 187 26.65 -26.03 -11.20
C ALA E 187 25.14 -26.19 -11.28
N LEU E 188 24.65 -26.48 -12.49
CA LEU E 188 23.23 -26.62 -12.73
C LEU E 188 23.00 -27.77 -13.70
N SER E 189 21.93 -28.54 -13.47
CA SER E 189 21.60 -29.65 -14.34
C SER E 189 20.16 -29.52 -14.83
N SER E 190 19.91 -30.10 -16.00
CA SER E 190 18.57 -30.15 -16.55
C SER E 190 18.42 -31.45 -17.33
N ARG E 191 17.17 -31.91 -17.46
CA ARG E 191 16.88 -33.10 -18.23
C ARG E 191 15.88 -32.80 -19.31
N LEU E 192 16.01 -33.51 -20.43
CA LEU E 192 15.02 -33.53 -21.49
C LEU E 192 14.73 -34.98 -21.81
N ARG E 193 13.48 -35.39 -21.66
CA ARG E 193 13.08 -36.77 -21.91
C ARG E 193 12.16 -36.83 -23.13
N VAL E 194 12.52 -37.70 -24.08
CA VAL E 194 11.74 -37.92 -25.28
C VAL E 194 11.54 -39.42 -25.43
N SER E 195 10.70 -39.81 -26.40
CA SER E 195 10.54 -41.21 -26.70
C SER E 195 11.81 -41.75 -27.36
N ALA E 196 12.03 -43.06 -27.20
CA ALA E 196 13.25 -43.66 -27.75
C ALA E 196 13.28 -43.55 -29.27
N THR E 197 12.14 -43.68 -29.92
CA THR E 197 12.10 -43.58 -31.38
C THR E 197 12.47 -42.18 -31.85
N PHE E 198 12.15 -41.15 -31.06
CA PHE E 198 12.53 -39.80 -31.43
C PHE E 198 14.03 -39.59 -31.29
N TRP E 199 14.62 -40.08 -30.20
CA TRP E 199 16.06 -39.97 -30.02
C TRP E 199 16.83 -40.80 -31.04
N GLN E 200 16.27 -41.93 -31.46
CA GLN E 200 16.95 -42.82 -32.39
C GLN E 200 16.83 -42.37 -33.85
N ASN E 201 16.28 -41.18 -34.10
CA ASN E 201 16.23 -40.63 -35.45
C ASN E 201 17.46 -39.74 -35.64
N PRO E 202 18.38 -40.09 -36.54
CA PRO E 202 19.59 -39.26 -36.71
C PRO E 202 19.31 -37.89 -37.31
N ARG E 203 18.10 -37.65 -37.82
CA ARG E 203 17.74 -36.35 -38.37
C ARG E 203 17.34 -35.35 -37.30
N ASN E 204 17.29 -35.74 -36.03
CA ASN E 204 16.86 -34.88 -34.94
C ASN E 204 18.05 -34.27 -34.23
N HIS E 205 17.92 -33.00 -33.87
CA HIS E 205 18.98 -32.23 -33.24
C HIS E 205 18.53 -31.77 -31.87
N PHE E 206 19.40 -31.94 -30.87
CA PHE E 206 19.11 -31.56 -29.50
C PHE E 206 20.19 -30.61 -29.00
N ARG E 207 19.77 -29.47 -28.45
CA ARG E 207 20.73 -28.48 -27.98
C ARG E 207 20.29 -27.93 -26.63
N CYS E 208 21.21 -27.96 -25.67
CA CYS E 208 21.04 -27.30 -24.39
C CYS E 208 21.71 -25.94 -24.43
N GLN E 209 20.97 -24.91 -24.04
CA GLN E 209 21.44 -23.53 -24.11
C GLN E 209 21.40 -22.89 -22.74
N VAL E 210 22.50 -22.26 -22.33
CA VAL E 210 22.58 -21.57 -21.05
C VAL E 210 22.92 -20.11 -21.34
N GLN E 211 21.95 -19.22 -21.14
CA GLN E 211 22.20 -17.79 -21.20
C GLN E 211 22.85 -17.36 -19.89
N PHE E 212 24.04 -16.76 -20.00
CA PHE E 212 24.77 -16.27 -18.84
C PHE E 212 24.78 -14.75 -18.86
N TYR E 213 24.52 -14.15 -17.71
CA TYR E 213 24.56 -12.70 -17.54
C TYR E 213 25.80 -12.35 -16.72
N GLY E 214 26.74 -11.67 -17.35
CA GLY E 214 27.99 -11.29 -16.72
C GLY E 214 28.32 -9.85 -17.03
N LEU E 215 29.62 -9.61 -17.26
CA LEU E 215 30.09 -8.26 -17.51
C LEU E 215 29.57 -7.74 -18.84
N SER E 216 29.58 -6.41 -18.98
CA SER E 216 29.22 -5.76 -20.23
C SER E 216 30.48 -5.41 -21.01
N GLU E 217 30.27 -5.01 -22.26
CA GLU E 217 31.37 -4.51 -23.08
C GLU E 217 32.02 -3.27 -22.48
N ASN E 218 31.32 -2.58 -21.58
CA ASN E 218 31.85 -1.37 -20.97
C ASN E 218 32.91 -1.65 -19.93
N ASP E 219 32.83 -2.79 -19.24
CA ASP E 219 33.75 -3.09 -18.15
C ASP E 219 35.14 -3.41 -18.68
N GLU E 220 36.15 -3.10 -17.87
CA GLU E 220 37.54 -3.36 -18.22
C GLU E 220 37.97 -4.72 -17.67
N TRP E 221 38.86 -5.37 -18.41
CA TRP E 221 39.33 -6.72 -18.08
C TRP E 221 40.82 -6.80 -18.36
N THR E 222 41.61 -7.02 -17.31
CA THR E 222 43.06 -7.11 -17.44
C THR E 222 43.56 -8.55 -17.44
N GLN E 223 42.71 -9.52 -17.13
CA GLN E 223 43.15 -10.90 -17.00
C GLN E 223 43.44 -11.51 -18.36
N ASP E 224 44.17 -12.64 -18.32
CA ASP E 224 44.53 -13.33 -19.55
C ASP E 224 43.37 -14.13 -20.13
N ARG E 225 42.51 -14.69 -19.28
CA ARG E 225 41.35 -15.41 -19.78
C ARG E 225 40.35 -14.43 -20.40
N ALA E 226 39.43 -14.99 -21.18
CA ALA E 226 38.47 -14.17 -21.89
C ALA E 226 37.58 -13.40 -20.93
N LYS E 227 37.18 -12.19 -21.36
CA LYS E 227 36.30 -11.32 -20.55
C LYS E 227 34.97 -12.06 -20.34
N PRO E 228 34.59 -12.40 -19.09
CA PRO E 228 33.35 -13.16 -18.85
C PRO E 228 32.10 -12.32 -19.07
N VAL E 229 31.82 -11.98 -20.32
CA VAL E 229 30.71 -11.11 -20.66
C VAL E 229 29.42 -11.91 -20.73
N THR E 230 28.29 -11.21 -20.74
CA THR E 230 27.00 -11.84 -21.04
C THR E 230 27.10 -12.58 -22.36
N GLN E 231 26.73 -13.87 -22.33
CA GLN E 231 26.93 -14.73 -23.49
C GLN E 231 26.05 -15.96 -23.35
N ILE E 232 25.89 -16.67 -24.46
CA ILE E 232 25.20 -17.95 -24.49
C ILE E 232 26.22 -19.04 -24.71
N VAL E 233 26.22 -20.05 -23.85
CA VAL E 233 27.04 -21.24 -24.01
C VAL E 233 26.13 -22.43 -24.26
N SER E 234 26.42 -23.20 -25.29
CA SER E 234 25.56 -24.28 -25.72
C SER E 234 26.34 -25.57 -25.87
N ALA E 235 25.61 -26.68 -25.76
CA ALA E 235 26.12 -28.01 -26.08
C ALA E 235 25.01 -28.77 -26.79
N GLU E 236 25.39 -29.58 -27.78
CA GLU E 236 24.42 -30.19 -28.67
C GLU E 236 24.69 -31.68 -28.82
N ALA E 237 23.65 -32.38 -29.28
CA ALA E 237 23.76 -33.79 -29.64
C ALA E 237 22.74 -34.08 -30.73
N TRP E 238 23.15 -34.91 -31.70
CA TRP E 238 22.25 -35.41 -32.71
C TRP E 238 21.74 -36.80 -32.34
N GLY E 239 20.59 -37.17 -32.90
CA GLY E 239 20.03 -38.48 -32.63
C GLY E 239 20.95 -39.59 -33.10
N ARG E 240 20.88 -40.71 -32.38
CA ARG E 240 21.75 -41.87 -32.62
C ARG E 240 20.88 -43.08 -32.90
N ALA E 241 20.95 -43.60 -34.12
CA ALA E 241 20.31 -44.88 -34.40
C ALA E 241 21.03 -46.02 -33.70
N ASP E 242 22.36 -45.99 -33.70
CA ASP E 242 23.18 -46.96 -32.98
C ASP E 242 24.58 -46.40 -32.76
C1 NAG F . -2.48 41.40 5.54
C2 NAG F . -2.83 42.19 4.29
C3 NAG F . -1.78 41.97 3.21
C4 NAG F . -0.39 42.30 3.75
C5 NAG F . -0.13 41.52 5.04
C6 NAG F . 1.17 41.90 5.70
C7 NAG F . -4.57 40.66 3.42
C8 NAG F . -5.99 40.55 2.97
N2 NAG F . -4.17 41.88 3.80
O3 NAG F . -2.07 42.81 2.08
O4 NAG F . 0.59 41.96 2.78
O5 NAG F . -1.17 41.77 6.00
O6 NAG F . 1.18 43.27 6.08
O7 NAG F . -3.81 39.69 3.45
C1 NAG G . -6.10 32.03 -23.00
C2 NAG G . -6.75 32.07 -24.38
C3 NAG G . -5.84 32.82 -25.36
C4 NAG G . -5.48 34.19 -24.82
C5 NAG G . -4.90 34.07 -23.41
C6 NAG G . -4.65 35.41 -22.76
C7 NAG G . -8.26 30.21 -24.89
C8 NAG G . -8.37 28.81 -25.41
N2 NAG G . -7.03 30.73 -24.87
O3 NAG G . -6.51 32.94 -26.62
O4 NAG G . -4.53 34.82 -25.67
O5 NAG G . -5.82 33.37 -22.56
O6 NAG G . -5.84 35.96 -22.22
O7 NAG G . -9.24 30.82 -24.49
C1 NAG H . -31.89 2.36 12.42
C2 NAG H . -33.18 1.64 11.98
C3 NAG H . -33.45 0.44 12.89
C4 NAG H . -32.24 -0.47 12.96
C5 NAG H . -31.01 0.34 13.37
C6 NAG H . -29.73 -0.47 13.36
C7 NAG H . -34.79 3.20 13.00
C8 NAG H . -35.97 4.09 12.74
N2 NAG H . -34.32 2.54 11.94
O3 NAG H . -34.56 -0.29 12.37
O4 NAG H . -32.45 -1.51 13.91
O5 NAG H . -30.81 1.43 12.46
O6 NAG H . -29.67 -1.36 14.46
O7 NAG H . -34.29 3.11 14.12
C1 GOL I . -10.96 -4.85 -10.63
O1 GOL I . -10.64 -4.26 -9.38
C2 GOL I . -9.85 -4.57 -11.63
O2 GOL I . -9.48 -5.77 -12.28
C3 GOL I . -10.31 -3.55 -12.66
O3 GOL I . -10.07 -2.23 -12.19
C1 GOL J . -11.79 29.04 22.39
O1 GOL J . -11.88 27.93 21.53
C2 GOL J . -12.54 28.73 23.68
O2 GOL J . -13.71 28.02 23.36
C3 GOL J . -12.94 30.04 24.37
O3 GOL J . -14.20 30.46 23.90
C1 GOL K . -17.68 16.22 27.20
O1 GOL K . -16.68 15.87 28.14
C2 GOL K . -18.93 15.39 27.46
O2 GOL K . -18.79 14.72 28.70
C3 GOL K . -19.11 14.37 26.35
O3 GOL K . -20.35 13.71 26.50
C1 GOL L . -22.02 30.43 13.26
O1 GOL L . -21.51 30.93 14.49
C2 GOL L . -23.53 30.42 13.31
O2 GOL L . -23.96 30.95 14.55
C3 GOL L . -24.04 28.99 13.16
O3 GOL L . -25.43 28.95 13.37
C1 GOL M . -2.59 11.18 -16.73
O1 GOL M . -1.41 11.86 -16.38
C2 GOL M . -2.64 10.96 -18.23
O2 GOL M . -2.29 9.62 -18.54
C3 GOL M . -4.02 11.27 -18.77
O3 GOL M . -4.04 12.58 -19.29
NA NA N . -10.74 -25.20 0.18
C1 GOL O . 23.88 -52.44 -4.46
O1 GOL O . 22.52 -52.80 -4.40
C2 GOL O . 24.06 -51.34 -5.50
O2 GOL O . 24.91 -50.34 -4.98
C3 GOL O . 24.68 -51.94 -6.76
O3 GOL O . 23.87 -53.00 -7.20
C1 GOL P . -9.14 -20.40 9.48
O1 GOL P . -8.35 -20.38 10.66
C2 GOL P . -8.23 -20.44 8.26
O2 GOL P . -7.75 -19.14 7.98
C3 GOL P . -9.03 -20.95 7.06
O3 GOL P . -10.07 -20.06 6.76
C1 GOL Q . -10.71 -2.96 -2.16
O1 GOL Q . -10.95 -2.21 -1.00
C2 GOL Q . -9.25 -2.80 -2.57
O2 GOL Q . -8.90 -3.86 -3.43
C3 GOL Q . -9.08 -1.49 -3.31
O3 GOL Q . -7.72 -1.12 -3.31
C1 GOL R . -11.08 -12.58 -2.48
O1 GOL R . -12.29 -12.71 -1.76
C2 GOL R . -10.56 -11.15 -2.36
O2 GOL R . -9.20 -11.17 -1.98
C3 GOL R . -11.38 -10.38 -1.33
O3 GOL R . -11.43 -11.11 -0.12
C1 GOL S . -0.82 -21.27 -12.70
O1 GOL S . -1.54 -21.37 -11.49
C2 GOL S . 0.54 -20.68 -12.42
O2 GOL S . 1.52 -21.40 -13.12
C3 GOL S . 0.58 -19.22 -12.86
O3 GOL S . 0.75 -19.15 -14.26
C1 GOL T . 4.25 -12.96 -14.04
O1 GOL T . 5.46 -12.35 -14.45
C2 GOL T . 3.53 -12.04 -13.07
O2 GOL T . 3.89 -12.35 -11.76
C3 GOL T . 2.02 -12.21 -13.24
O3 GOL T . 1.36 -11.36 -12.32
C1 GOL U . 9.81 -36.95 0.09
O1 GOL U . 10.94 -36.49 0.78
C2 GOL U . 9.93 -36.60 -1.39
O2 GOL U . 11.29 -36.57 -1.77
C3 GOL U . 9.30 -35.23 -1.65
O3 GOL U . 9.24 -35.00 -3.03
C1 GOL V . 27.11 -38.57 -0.80
O1 GOL V . 28.02 -37.85 -0.01
C2 GOL V . 27.87 -39.35 -1.89
O2 GOL V . 29.19 -39.58 -1.44
C3 GOL V . 27.17 -40.68 -2.12
O3 GOL V . 27.66 -41.25 -3.32
C1 GOL W . 13.61 -27.09 5.03
O1 GOL W . 12.24 -27.42 5.22
C2 GOL W . 13.85 -25.60 5.23
O2 GOL W . 14.94 -25.16 4.40
C3 GOL W . 14.12 -25.23 6.67
O3 GOL W . 14.49 -23.86 6.80
C1 GOL X . 35.94 -25.79 -13.37
O1 GOL X . 36.64 -25.10 -12.36
C2 GOL X . 34.89 -26.70 -12.74
O2 GOL X . 34.72 -26.33 -11.38
C3 GOL X . 33.57 -26.54 -13.48
O3 GOL X . 33.74 -26.86 -14.83
C1 GOL Y . 31.69 -29.83 -10.88
O1 GOL Y . 30.77 -28.95 -11.47
C2 GOL Y . 33.08 -29.60 -11.46
O2 GOL Y . 34.01 -29.45 -10.42
C3 GOL Y . 33.47 -30.79 -12.34
O3 GOL Y . 32.55 -30.90 -13.41
C1 GOL Z . 23.14 -43.70 -27.51
O1 GOL Z . 23.93 -43.79 -26.32
C2 GOL Z . 22.60 -45.06 -27.92
O2 GOL Z . 21.59 -45.48 -27.01
C3 GOL Z . 22.06 -45.08 -29.33
O3 GOL Z . 20.66 -44.78 -29.38
C1 GOL AA . 10.50 8.55 6.76
O1 GOL AA . 9.69 9.31 5.90
C2 GOL AA . 9.71 7.35 7.30
O2 GOL AA . 10.52 6.20 7.29
C3 GOL AA . 8.48 7.09 6.43
O3 GOL AA . 7.46 8.01 6.76
C1 GOL BA . 3.34 -7.96 -13.74
O1 GOL BA . 3.27 -6.58 -13.39
C2 GOL BA . 4.38 -8.20 -14.83
O2 GOL BA . 4.45 -7.08 -15.70
C3 GOL BA . 5.76 -8.52 -14.29
O3 GOL BA . 6.53 -9.26 -15.23
C1 GOL CA . -6.52 3.59 5.14
O1 GOL CA . -7.36 3.93 4.04
C2 GOL CA . -5.58 4.73 5.49
O2 GOL CA . -6.25 5.97 5.38
C3 GOL CA . -4.31 4.74 4.67
O3 GOL CA . -3.74 3.43 4.55
#